data_4Y7M
#
_entry.id   4Y7M
#
_cell.length_a   95.230
_cell.length_b   95.230
_cell.length_c   172.950
_cell.angle_alpha   90.00
_cell.angle_beta   90.00
_cell.angle_gamma   120.00
#
_symmetry.space_group_name_H-M   'P 64'
#
loop_
_entity.id
_entity.type
_entity.pdbx_description
1 polymer 'Hi113 protein'
2 polymer 'Type VI secretion protein IcmF'
3 non-polymer 'SULFATE ION'
4 water water
#
loop_
_entity_poly.entity_id
_entity_poly.type
_entity_poly.pdbx_seq_one_letter_code
_entity_poly.pdbx_strand_id
1 'polypeptide(L)'
;QVQLVESGGGLVQAGGSLRLSCAASGFTFEDYAIGWFRQAPGKEREGVSCISNLDGSTYYPDSVKGRFTASSDKAKNMVY
LQMNSLKPEDTAVYYCAAVNAQGIYCTDYIIGPYGMDYWGKGTQVTVSS
;
A,B
2 'polypeptide(L)'
;DYGSLTAAGLGQEWYGFGQTVFVRPMEQAWQQVLTPAAESLNARWRTAVVDGWNNAFSGRYPFKNVSSDASLPLLAKYLN
TDTGRIARFLQNNLSGVLHREGSRWVPDTINTRGLTFNPAFLKAINTLSEIADVAFTTGNAGLHFELRPGTAAGVMQTTL
ITDNQKLIYVNQMPVWKRFTWPADTEAPGASLSWVSTQAGTRQYADLPGSWGLIRLLEMARRKAAPGVASGWSLSWQAQD
GRMLNYTLRTEAGEGPLVLLKLRNFVLPETVFELSGTSAFTGNDEDAGDTVEETD
;
C,D
#
loop_
_chem_comp.id
_chem_comp.type
_chem_comp.name
_chem_comp.formula
SO4 non-polymer 'SULFATE ION' 'O4 S -2'
#
# COMPACT_ATOMS: atom_id res chain seq x y z
N GLN A 1 -2.23 17.84 -20.30
CA GLN A 1 -3.60 18.16 -19.89
C GLN A 1 -4.62 17.40 -20.74
N VAL A 2 -5.62 16.81 -20.07
CA VAL A 2 -6.73 16.10 -20.72
C VAL A 2 -7.63 17.11 -21.47
N GLN A 3 -8.05 16.74 -22.68
CA GLN A 3 -9.01 17.49 -23.50
C GLN A 3 -10.11 16.53 -23.94
N LEU A 4 -11.37 16.97 -23.79
CA LEU A 4 -12.56 16.20 -24.18
C LEU A 4 -13.42 17.13 -25.02
N VAL A 5 -13.57 16.85 -26.32
CA VAL A 5 -14.30 17.72 -27.22
C VAL A 5 -15.55 17.02 -27.74
N GLU A 6 -16.73 17.51 -27.34
CA GLU A 6 -18.00 16.92 -27.80
C GLU A 6 -18.43 17.56 -29.12
N SER A 7 -19.08 16.78 -29.98
CA SER A 7 -19.63 17.25 -31.26
C SER A 7 -20.80 16.34 -31.62
N GLY A 8 -21.59 16.75 -32.60
CA GLY A 8 -22.74 15.99 -33.07
C GLY A 8 -24.06 16.46 -32.50
N GLY A 9 -24.03 17.53 -31.72
CA GLY A 9 -25.21 18.16 -31.15
C GLY A 9 -26.03 18.83 -32.24
N GLY A 10 -27.22 19.26 -31.88
CA GLY A 10 -28.11 19.94 -32.80
C GLY A 10 -29.57 19.69 -32.51
N LEU A 11 -30.42 20.15 -33.44
CA LEU A 11 -31.86 20.00 -33.36
C LEU A 11 -32.28 18.73 -34.10
N VAL A 12 -33.10 17.92 -33.45
CA VAL A 12 -33.62 16.67 -34.00
C VAL A 12 -35.10 16.55 -33.67
N GLN A 13 -35.86 15.92 -34.56
CA GLN A 13 -37.28 15.69 -34.36
C GLN A 13 -37.47 14.50 -33.42
N ALA A 14 -38.51 14.53 -32.55
CA ALA A 14 -38.86 13.45 -31.62
C ALA A 14 -39.08 12.16 -32.43
N GLY A 15 -38.47 11.07 -31.97
CA GLY A 15 -38.49 9.77 -32.64
C GLY A 15 -37.24 9.54 -33.48
N GLY A 16 -36.50 10.61 -33.75
CA GLY A 16 -35.28 10.59 -34.54
C GLY A 16 -34.03 10.13 -33.79
N SER A 17 -32.89 10.13 -34.50
CA SER A 17 -31.59 9.69 -33.97
C SER A 17 -30.54 10.78 -34.06
N LEU A 18 -29.54 10.69 -33.17
CA LEU A 18 -28.42 11.62 -33.12
C LEU A 18 -27.21 10.89 -32.56
N ARG A 19 -26.05 11.09 -33.19
CA ARG A 19 -24.82 10.46 -32.73
C ARG A 19 -23.86 11.52 -32.18
N LEU A 20 -23.52 11.41 -30.90
CA LEU A 20 -22.57 12.32 -30.27
C LEU A 20 -21.19 11.70 -30.26
N SER A 21 -20.17 12.54 -30.41
CA SER A 21 -18.78 12.14 -30.44
C SER A 21 -18.05 12.89 -29.34
N CYS A 22 -17.10 12.23 -28.71
CA CYS A 22 -16.25 12.81 -27.68
C CYS A 22 -14.82 12.50 -28.11
N ALA A 23 -14.12 13.52 -28.62
CA ALA A 23 -12.73 13.39 -29.07
C ALA A 23 -11.84 13.56 -27.83
N ALA A 24 -11.11 12.51 -27.46
CA ALA A 24 -10.27 12.48 -26.28
C ALA A 24 -8.80 12.61 -26.61
N SER A 25 -8.07 13.34 -25.76
CA SER A 25 -6.62 13.51 -25.91
C SER A 25 -6.00 13.89 -24.57
N GLY A 26 -4.70 13.65 -24.45
CA GLY A 26 -3.95 14.01 -23.26
C GLY A 26 -4.02 13.04 -22.10
N PHE A 27 -4.37 11.77 -22.38
CA PHE A 27 -4.36 10.67 -21.40
C PHE A 27 -4.24 9.34 -22.12
N THR A 28 -3.82 8.31 -21.40
CA THR A 28 -3.73 6.94 -21.90
C THR A 28 -5.19 6.46 -21.92
N PHE A 29 -5.73 6.39 -23.14
CA PHE A 29 -7.11 6.05 -23.42
C PHE A 29 -7.60 4.78 -22.69
N GLU A 30 -6.80 3.69 -22.72
CA GLU A 30 -7.11 2.41 -22.09
C GLU A 30 -7.25 2.47 -20.57
N ASP A 31 -6.71 3.51 -19.92
CA ASP A 31 -6.72 3.59 -18.45
C ASP A 31 -7.95 4.28 -17.87
N TYR A 32 -8.81 4.80 -18.76
CA TYR A 32 -9.94 5.63 -18.37
C TYR A 32 -11.29 5.12 -18.75
N ALA A 33 -12.30 5.56 -17.99
CA ALA A 33 -13.71 5.33 -18.23
C ALA A 33 -14.27 6.68 -18.67
N ILE A 34 -15.17 6.67 -19.65
CA ILE A 34 -15.80 7.87 -20.20
C ILE A 34 -17.28 7.85 -19.89
N GLY A 35 -17.75 8.91 -19.26
CA GLY A 35 -19.15 9.07 -18.95
C GLY A 35 -19.79 10.15 -19.78
N TRP A 36 -21.05 9.95 -20.16
CA TRP A 36 -21.85 10.98 -20.82
C TRP A 36 -22.85 11.45 -19.78
N PHE A 37 -22.99 12.77 -19.64
CA PHE A 37 -23.87 13.42 -18.71
C PHE A 37 -24.71 14.45 -19.44
N ARG A 38 -25.82 14.86 -18.81
CA ARG A 38 -26.68 15.89 -19.39
C ARG A 38 -27.24 16.80 -18.33
N GLN A 39 -27.42 18.07 -18.67
CA GLN A 39 -28.01 19.05 -17.77
C GLN A 39 -28.95 19.94 -18.57
N ALA A 40 -30.21 20.00 -18.17
CA ALA A 40 -31.20 20.86 -18.82
C ALA A 40 -31.56 22.01 -17.85
N PRO A 41 -32.10 23.16 -18.32
CA PRO A 41 -32.52 24.22 -17.38
C PRO A 41 -33.59 23.70 -16.40
N GLY A 42 -33.41 24.02 -15.13
CA GLY A 42 -34.32 23.56 -14.08
C GLY A 42 -34.20 22.09 -13.77
N LYS A 43 -32.98 21.54 -13.96
CA LYS A 43 -32.64 20.16 -13.69
C LYS A 43 -31.18 20.05 -13.22
N GLU A 44 -30.93 19.10 -12.31
CA GLU A 44 -29.58 18.80 -11.84
C GLU A 44 -28.89 17.99 -12.95
N ARG A 45 -27.57 18.10 -13.09
CA ARG A 45 -26.85 17.30 -14.07
C ARG A 45 -27.00 15.81 -13.70
N GLU A 46 -27.18 14.94 -14.72
CA GLU A 46 -27.33 13.50 -14.48
C GLU A 46 -26.51 12.68 -15.46
N GLY A 47 -26.06 11.52 -15.00
CA GLY A 47 -25.32 10.60 -15.86
C GLY A 47 -26.24 9.85 -16.79
N VAL A 48 -25.86 9.66 -18.05
CA VAL A 48 -26.68 8.91 -19.02
C VAL A 48 -25.94 7.67 -19.53
N SER A 49 -24.62 7.64 -19.42
CA SER A 49 -23.85 6.46 -19.83
C SER A 49 -22.47 6.43 -19.18
N CYS A 50 -21.92 5.23 -19.12
CA CYS A 50 -20.58 4.97 -18.62
C CYS A 50 -20.01 3.88 -19.51
N ILE A 51 -18.75 4.02 -19.92
CA ILE A 51 -18.01 2.99 -20.65
C ILE A 51 -16.58 2.98 -20.12
N SER A 52 -16.08 1.82 -19.68
CA SER A 52 -14.69 1.76 -19.25
C SER A 52 -13.82 1.16 -20.35
N ASN A 53 -12.75 1.86 -20.73
CA ASN A 53 -11.81 1.37 -21.73
C ASN A 53 -10.92 0.31 -21.11
N LEU A 54 -10.83 0.30 -19.77
CA LEU A 54 -9.99 -0.63 -19.04
C LEU A 54 -10.60 -2.03 -18.90
N ASP A 55 -11.90 -2.15 -18.61
CA ASP A 55 -12.48 -3.48 -18.40
C ASP A 55 -13.64 -3.79 -19.33
N GLY A 56 -14.06 -2.83 -20.14
CA GLY A 56 -15.16 -3.02 -21.07
C GLY A 56 -16.55 -2.90 -20.47
N SER A 57 -16.66 -2.58 -19.17
CA SER A 57 -17.97 -2.44 -18.52
C SER A 57 -18.73 -1.20 -19.02
N THR A 58 -20.06 -1.28 -19.01
CA THR A 58 -20.94 -0.19 -19.41
C THR A 58 -22.11 -0.09 -18.44
N TYR A 59 -22.71 1.10 -18.34
CA TYR A 59 -23.89 1.33 -17.54
C TYR A 59 -24.75 2.40 -18.17
N TYR A 60 -26.08 2.21 -18.11
CA TYR A 60 -27.09 3.16 -18.60
C TYR A 60 -28.24 3.20 -17.59
N PRO A 61 -28.73 4.40 -17.18
CA PRO A 61 -29.91 4.42 -16.30
C PRO A 61 -31.16 4.02 -17.13
N ASP A 62 -32.22 3.56 -16.45
CA ASP A 62 -33.46 3.11 -17.10
C ASP A 62 -34.11 4.17 -18.03
N SER A 63 -33.90 5.46 -17.74
CA SER A 63 -34.41 6.55 -18.57
C SER A 63 -33.94 6.48 -20.04
N VAL A 64 -32.73 5.92 -20.28
CA VAL A 64 -32.13 5.87 -21.63
C VAL A 64 -31.72 4.45 -22.09
N LYS A 65 -31.74 3.46 -21.16
CA LYS A 65 -31.34 2.08 -21.46
C LYS A 65 -32.18 1.52 -22.61
N GLY A 66 -31.50 0.95 -23.60
CA GLY A 66 -32.13 0.41 -24.79
C GLY A 66 -32.21 1.41 -25.93
N ARG A 67 -32.15 2.72 -25.61
CA ARG A 67 -32.20 3.81 -26.60
C ARG A 67 -30.83 4.40 -26.85
N PHE A 68 -29.99 4.51 -25.81
CA PHE A 68 -28.65 5.08 -25.93
C PHE A 68 -27.59 4.00 -25.83
N THR A 69 -26.57 4.04 -26.71
CA THR A 69 -25.45 3.10 -26.71
C THR A 69 -24.13 3.87 -26.78
N ALA A 70 -23.25 3.62 -25.82
CA ALA A 70 -21.93 4.21 -25.80
C ALA A 70 -20.95 3.20 -26.40
N SER A 71 -20.03 3.66 -27.25
CA SER A 71 -19.01 2.80 -27.84
C SER A 71 -17.69 3.54 -27.84
N SER A 72 -16.60 2.77 -27.80
CA SER A 72 -15.25 3.31 -27.72
C SER A 72 -14.38 2.85 -28.89
N ASP A 73 -13.69 3.81 -29.50
CA ASP A 73 -12.84 3.59 -30.65
C ASP A 73 -11.39 3.92 -30.27
N LYS A 74 -10.62 2.88 -29.91
CA LYS A 74 -9.22 2.99 -29.51
C LYS A 74 -8.32 3.49 -30.66
N ALA A 75 -8.70 3.19 -31.92
CA ALA A 75 -7.96 3.58 -33.12
C ALA A 75 -7.95 5.11 -33.29
N LYS A 76 -9.04 5.78 -32.87
CA LYS A 76 -9.21 7.23 -33.01
C LYS A 76 -9.30 7.97 -31.66
N ASN A 77 -9.21 7.24 -30.52
CA ASN A 77 -9.38 7.80 -29.16
C ASN A 77 -10.69 8.60 -29.05
N MET A 78 -11.78 7.99 -29.53
CA MET A 78 -13.11 8.60 -29.54
C MET A 78 -14.08 7.74 -28.80
N VAL A 79 -15.09 8.38 -28.19
CA VAL A 79 -16.21 7.72 -27.53
C VAL A 79 -17.48 8.31 -28.14
N TYR A 80 -18.36 7.44 -28.61
CA TYR A 80 -19.61 7.84 -29.22
C TYR A 80 -20.79 7.55 -28.30
N LEU A 81 -21.84 8.34 -28.43
CA LEU A 81 -23.10 8.12 -27.77
C LEU A 81 -24.15 8.11 -28.89
N GLN A 82 -24.62 6.91 -29.26
CA GLN A 82 -25.63 6.73 -30.30
C GLN A 82 -26.99 6.85 -29.62
N MET A 83 -27.73 7.93 -29.91
CA MET A 83 -29.02 8.18 -29.27
C MET A 83 -30.14 7.93 -30.26
N ASN A 84 -30.98 6.94 -29.98
CA ASN A 84 -32.13 6.57 -30.82
C ASN A 84 -33.42 6.84 -30.10
N SER A 85 -34.55 6.90 -30.87
CA SER A 85 -35.92 7.12 -30.35
C SER A 85 -35.94 8.30 -29.37
N LEU A 86 -35.36 9.43 -29.79
CA LEU A 86 -35.24 10.63 -28.97
C LEU A 86 -36.58 11.22 -28.59
N LYS A 87 -36.69 11.62 -27.32
CA LYS A 87 -37.90 12.16 -26.68
C LYS A 87 -37.66 13.61 -26.23
N PRO A 88 -38.73 14.42 -26.00
CA PRO A 88 -38.52 15.80 -25.50
C PRO A 88 -37.73 15.85 -24.20
N GLU A 89 -37.89 14.81 -23.34
CA GLU A 89 -37.17 14.64 -22.07
C GLU A 89 -35.66 14.56 -22.29
N ASP A 90 -35.20 14.31 -23.53
CA ASP A 90 -33.76 14.20 -23.83
C ASP A 90 -33.09 15.54 -24.15
N THR A 91 -33.88 16.63 -24.28
CA THR A 91 -33.32 17.97 -24.53
C THR A 91 -32.44 18.37 -23.32
N ALA A 92 -31.18 18.76 -23.59
CA ALA A 92 -30.19 19.17 -22.58
C ALA A 92 -28.85 19.47 -23.24
N VAL A 93 -27.92 20.04 -22.46
CA VAL A 93 -26.54 20.20 -22.86
C VAL A 93 -25.91 18.86 -22.45
N TYR A 94 -25.23 18.18 -23.39
CA TYR A 94 -24.58 16.90 -23.15
C TYR A 94 -23.09 17.06 -22.99
N TYR A 95 -22.55 16.47 -21.96
CA TYR A 95 -21.12 16.55 -21.62
C TYR A 95 -20.50 15.17 -21.61
N CYS A 96 -19.27 15.08 -22.10
CA CYS A 96 -18.54 13.86 -21.89
C CYS A 96 -17.50 14.18 -20.80
N ALA A 97 -17.22 13.18 -19.99
CA ALA A 97 -16.33 13.30 -18.84
C ALA A 97 -15.45 12.06 -18.74
N ALA A 98 -14.26 12.21 -18.14
CA ALA A 98 -13.32 11.10 -17.98
C ALA A 98 -13.01 10.89 -16.51
N VAL A 99 -12.78 9.62 -16.16
CA VAL A 99 -12.42 9.23 -14.79
C VAL A 99 -11.46 8.05 -14.85
N ASN A 100 -10.45 8.05 -13.99
CA ASN A 100 -9.49 6.94 -13.92
C ASN A 100 -10.26 5.63 -13.70
N ALA A 101 -10.09 4.65 -14.62
CA ALA A 101 -10.83 3.38 -14.58
C ALA A 101 -10.21 2.31 -13.68
N GLN A 102 -9.02 2.53 -13.14
CA GLN A 102 -8.34 1.58 -12.26
C GLN A 102 -9.15 1.49 -10.94
N GLY A 103 -9.56 0.26 -10.60
CA GLY A 103 -10.31 -0.01 -9.37
C GLY A 103 -11.79 0.23 -9.44
N ILE A 104 -12.33 0.46 -10.66
CA ILE A 104 -13.78 0.67 -10.81
C ILE A 104 -14.39 -0.12 -11.95
N TYR A 105 -15.71 -0.20 -11.94
CA TYR A 105 -16.50 -0.70 -13.05
C TYR A 105 -17.77 0.14 -13.14
N CYS A 106 -18.27 0.34 -14.38
CA CYS A 106 -19.41 1.21 -14.66
C CYS A 106 -20.68 0.82 -13.91
N THR A 107 -21.21 1.77 -13.11
CA THR A 107 -22.45 1.58 -12.34
C THR A 107 -23.12 2.93 -12.19
N ASP A 108 -24.35 2.93 -11.61
CA ASP A 108 -25.04 4.19 -11.32
C ASP A 108 -24.20 5.05 -10.34
N TYR A 109 -23.44 4.42 -9.43
CA TYR A 109 -22.64 5.16 -8.45
C TYR A 109 -21.52 5.98 -9.12
N ILE A 110 -20.82 5.37 -10.11
CA ILE A 110 -19.75 6.02 -10.86
C ILE A 110 -20.24 7.33 -11.53
N ILE A 111 -21.41 7.29 -12.19
CA ILE A 111 -21.93 8.46 -12.89
C ILE A 111 -22.97 9.20 -12.01
N GLY A 112 -22.90 8.92 -10.72
CA GLY A 112 -23.74 9.54 -9.70
C GLY A 112 -22.86 10.30 -8.72
N PRO A 113 -22.79 9.87 -7.45
CA PRO A 113 -21.98 10.61 -6.46
C PRO A 113 -20.45 10.51 -6.59
N TYR A 114 -19.91 9.44 -7.25
CA TYR A 114 -18.47 9.19 -7.29
C TYR A 114 -17.60 10.40 -7.70
N GLY A 115 -17.99 11.11 -8.76
CA GLY A 115 -17.28 12.27 -9.26
C GLY A 115 -16.35 11.95 -10.41
N MET A 116 -16.31 12.83 -11.42
CA MET A 116 -15.46 12.68 -12.61
C MET A 116 -14.16 13.44 -12.43
N ASP A 117 -13.11 13.02 -13.17
CA ASP A 117 -11.81 13.70 -13.07
C ASP A 117 -11.68 14.86 -14.04
N TYR A 118 -12.24 14.73 -15.26
CA TYR A 118 -12.14 15.76 -16.31
C TYR A 118 -13.45 15.92 -17.02
N TRP A 119 -13.73 17.13 -17.53
CA TRP A 119 -14.99 17.42 -18.21
C TRP A 119 -14.78 18.14 -19.52
N GLY A 120 -15.63 17.83 -20.49
CA GLY A 120 -15.71 18.54 -21.75
C GLY A 120 -16.58 19.77 -21.54
N LYS A 121 -16.66 20.67 -22.53
CA LYS A 121 -17.44 21.90 -22.41
C LYS A 121 -18.95 21.71 -22.69
N GLY A 122 -19.30 20.61 -23.35
CA GLY A 122 -20.69 20.27 -23.65
C GLY A 122 -21.19 20.70 -25.01
N THR A 123 -22.23 19.99 -25.50
CA THR A 123 -22.88 20.25 -26.79
C THR A 123 -24.41 20.24 -26.58
N GLN A 124 -25.11 21.22 -27.19
CA GLN A 124 -26.57 21.29 -27.06
C GLN A 124 -27.27 20.27 -27.95
N VAL A 125 -28.24 19.54 -27.36
CA VAL A 125 -29.12 18.61 -28.04
C VAL A 125 -30.55 19.12 -27.79
N THR A 126 -31.30 19.38 -28.86
CA THR A 126 -32.67 19.87 -28.75
C THR A 126 -33.57 18.94 -29.52
N VAL A 127 -34.56 18.41 -28.80
CA VAL A 127 -35.56 17.53 -29.38
C VAL A 127 -36.79 18.39 -29.61
N SER A 128 -37.19 18.51 -30.88
CA SER A 128 -38.35 19.30 -31.29
C SER A 128 -39.52 18.38 -31.59
N SER A 129 -40.73 18.83 -31.23
CA SER A 129 -41.97 18.08 -31.49
C SER A 129 -42.78 18.74 -32.63
N GLN B 1 0.67 -18.07 -19.50
CA GLN B 1 2.08 -18.38 -19.19
C GLN B 1 3.02 -17.74 -20.18
N VAL B 2 4.10 -17.10 -19.67
CA VAL B 2 5.14 -16.50 -20.50
C VAL B 2 5.97 -17.59 -21.20
N GLN B 3 6.30 -17.36 -22.47
CA GLN B 3 7.16 -18.23 -23.27
C GLN B 3 8.25 -17.38 -23.91
N LEU B 4 9.51 -17.82 -23.80
CA LEU B 4 10.67 -17.17 -24.40
C LEU B 4 11.43 -18.25 -25.14
N VAL B 5 11.58 -18.09 -26.47
CA VAL B 5 12.24 -19.09 -27.32
C VAL B 5 13.42 -18.47 -28.07
N GLU B 6 14.65 -18.91 -27.73
CA GLU B 6 15.88 -18.43 -28.39
C GLU B 6 16.18 -19.26 -29.63
N SER B 7 16.75 -18.62 -30.66
CA SER B 7 17.21 -19.26 -31.88
C SER B 7 18.36 -18.41 -32.48
N GLY B 8 19.06 -18.98 -33.47
CA GLY B 8 20.15 -18.29 -34.12
C GLY B 8 21.53 -18.70 -33.64
N GLY B 9 21.58 -19.66 -32.73
CA GLY B 9 22.85 -20.18 -32.23
C GLY B 9 23.60 -20.97 -33.31
N GLY B 10 24.85 -21.28 -33.04
CA GLY B 10 25.69 -22.00 -33.99
C GLY B 10 27.17 -21.75 -33.80
N LEU B 11 27.96 -22.29 -34.73
CA LEU B 11 29.41 -22.16 -34.76
C LEU B 11 29.81 -21.03 -35.69
N VAL B 12 30.69 -20.16 -35.22
CA VAL B 12 31.19 -19.02 -35.95
C VAL B 12 32.71 -18.87 -35.75
N GLN B 13 33.40 -18.35 -36.76
CA GLN B 13 34.83 -18.09 -36.70
C GLN B 13 35.05 -16.77 -35.95
N ALA B 14 36.19 -16.65 -35.21
CA ALA B 14 36.57 -15.41 -34.49
C ALA B 14 36.63 -14.25 -35.47
N GLY B 15 36.02 -13.13 -35.08
CA GLY B 15 35.93 -11.93 -35.91
C GLY B 15 34.60 -11.85 -36.64
N GLY B 16 33.88 -12.98 -36.68
CA GLY B 16 32.59 -13.07 -37.35
C GLY B 16 31.42 -12.53 -36.56
N SER B 17 30.22 -12.66 -37.15
CA SER B 17 28.96 -12.17 -36.57
C SER B 17 27.93 -13.28 -36.40
N LEU B 18 27.00 -13.07 -35.46
CA LEU B 18 25.91 -14.00 -35.19
C LEU B 18 24.72 -13.23 -34.63
N ARG B 19 23.51 -13.52 -35.12
CA ARG B 19 22.32 -12.84 -34.65
C ARG B 19 21.43 -13.80 -33.91
N LEU B 20 21.14 -13.53 -32.63
CA LEU B 20 20.23 -14.36 -31.85
C LEU B 20 18.83 -13.73 -31.82
N SER B 21 17.80 -14.56 -31.79
CA SER B 21 16.41 -14.09 -31.69
C SER B 21 15.73 -14.68 -30.47
N CYS B 22 14.88 -13.89 -29.82
CA CYS B 22 14.10 -14.32 -28.66
C CYS B 22 12.63 -14.05 -28.98
N ALA B 23 11.87 -15.11 -29.25
CA ALA B 23 10.43 -14.99 -29.55
C ALA B 23 9.69 -14.98 -28.22
N ALA B 24 9.01 -13.84 -27.92
CA ALA B 24 8.28 -13.63 -26.68
C ALA B 24 6.78 -13.75 -26.87
N SER B 25 6.10 -14.36 -25.89
CA SER B 25 4.63 -14.48 -25.90
C SER B 25 4.12 -14.69 -24.49
N GLY B 26 2.83 -14.42 -24.28
CA GLY B 26 2.17 -14.65 -23.00
C GLY B 26 2.34 -13.56 -21.97
N PHE B 27 2.69 -12.34 -22.42
CA PHE B 27 2.78 -11.16 -21.57
C PHE B 27 2.58 -9.89 -22.39
N THR B 28 2.24 -8.79 -21.72
CA THR B 28 2.08 -7.48 -22.33
C THR B 28 3.51 -7.01 -22.57
N PHE B 29 3.92 -7.02 -23.82
CA PHE B 29 5.28 -6.74 -24.26
C PHE B 29 5.84 -5.43 -23.67
N GLU B 30 5.02 -4.40 -23.68
CA GLU B 30 5.39 -3.08 -23.23
C GLU B 30 5.64 -2.93 -21.73
N ASP B 31 5.28 -3.91 -20.96
CA ASP B 31 5.40 -3.84 -19.53
C ASP B 31 6.68 -4.50 -19.05
N TYR B 32 7.43 -5.09 -19.98
CA TYR B 32 8.59 -5.90 -19.63
C TYR B 32 9.90 -5.43 -20.19
N ALA B 33 10.97 -5.82 -19.50
CA ALA B 33 12.36 -5.62 -19.91
C ALA B 33 12.87 -7.03 -20.26
N ILE B 34 13.68 -7.13 -21.32
CA ILE B 34 14.26 -8.40 -21.78
C ILE B 34 15.76 -8.35 -21.62
N GLY B 35 16.30 -9.34 -20.93
CA GLY B 35 17.74 -9.47 -20.76
C GLY B 35 18.31 -10.65 -21.52
N TRP B 36 19.53 -10.49 -22.02
CA TRP B 36 20.28 -11.59 -22.62
C TRP B 36 21.38 -11.92 -21.62
N PHE B 37 21.55 -13.21 -21.36
CA PHE B 37 22.54 -13.75 -20.43
C PHE B 37 23.33 -14.87 -21.12
N ARG B 38 24.50 -15.19 -20.56
CA ARG B 38 25.31 -16.28 -21.09
C ARG B 38 25.98 -17.04 -19.97
N GLN B 39 26.17 -18.34 -20.19
CA GLN B 39 26.85 -19.21 -19.23
C GLN B 39 27.78 -20.13 -19.98
N ALA B 40 29.08 -19.94 -19.70
CA ALA B 40 30.17 -20.63 -20.36
C ALA B 40 30.67 -21.80 -19.51
N PRO B 41 31.39 -22.79 -20.13
CA PRO B 41 31.88 -23.94 -19.37
C PRO B 41 32.68 -23.53 -18.15
N GLY B 42 32.28 -24.04 -16.98
CA GLY B 42 32.92 -23.80 -15.69
C GLY B 42 32.96 -22.34 -15.27
N LYS B 43 31.90 -21.60 -15.59
CA LYS B 43 31.76 -20.16 -15.30
C LYS B 43 30.36 -19.83 -14.85
N GLU B 44 30.21 -18.77 -14.03
CA GLU B 44 28.91 -18.33 -13.55
C GLU B 44 28.16 -17.65 -14.69
N ARG B 45 26.82 -17.77 -14.70
CA ARG B 45 25.99 -17.09 -15.68
C ARG B 45 26.15 -15.56 -15.49
N GLU B 46 26.20 -14.80 -16.61
CA GLU B 46 26.36 -13.35 -16.55
C GLU B 46 25.45 -12.64 -17.55
N GLY B 47 25.03 -11.43 -17.21
CA GLY B 47 24.20 -10.62 -18.09
C GLY B 47 25.03 -9.99 -19.19
N VAL B 48 24.52 -9.95 -20.43
CA VAL B 48 25.23 -9.33 -21.55
C VAL B 48 24.45 -8.15 -22.13
N SER B 49 23.13 -8.12 -21.92
CA SER B 49 22.31 -6.99 -22.38
C SER B 49 21.00 -6.87 -21.62
N CYS B 50 20.43 -5.67 -21.63
CA CYS B 50 19.14 -5.35 -21.04
C CYS B 50 18.48 -4.36 -21.99
N ILE B 51 17.20 -4.54 -22.24
CA ILE B 51 16.39 -3.61 -23.01
C ILE B 51 15.00 -3.53 -22.35
N SER B 52 14.54 -2.31 -22.00
CA SER B 52 13.20 -2.18 -21.43
C SER B 52 12.24 -1.69 -22.47
N ASN B 53 11.13 -2.41 -22.66
CA ASN B 53 10.07 -2.00 -23.60
C ASN B 53 9.24 -0.88 -22.97
N LEU B 54 9.32 -0.74 -21.64
CA LEU B 54 8.55 0.27 -20.93
C LEU B 54 9.16 1.67 -21.02
N ASP B 55 10.48 1.82 -20.90
CA ASP B 55 11.07 3.16 -20.92
C ASP B 55 12.12 3.37 -22.00
N GLY B 56 12.45 2.31 -22.75
CA GLY B 56 13.46 2.36 -23.80
C GLY B 56 14.91 2.29 -23.34
N SER B 57 15.14 2.12 -22.02
CA SER B 57 16.51 2.03 -21.47
C SER B 57 17.22 0.74 -21.92
N THR B 58 18.54 0.83 -22.05
CA THR B 58 19.39 -0.30 -22.42
C THR B 58 20.63 -0.30 -21.57
N TYR B 59 21.24 -1.47 -21.41
CA TYR B 59 22.50 -1.60 -20.69
C TYR B 59 23.31 -2.76 -21.29
N TYR B 60 24.63 -2.56 -21.39
CA TYR B 60 25.60 -3.56 -21.85
C TYR B 60 26.84 -3.48 -20.95
N PRO B 61 27.38 -4.61 -20.45
CA PRO B 61 28.64 -4.53 -19.68
C PRO B 61 29.78 -4.25 -20.67
N ASP B 62 30.90 -3.70 -20.15
CA ASP B 62 32.08 -3.34 -20.96
C ASP B 62 32.65 -4.50 -21.79
N SER B 63 32.49 -5.74 -21.32
CA SER B 63 32.95 -6.95 -22.02
C SER B 63 32.34 -7.07 -23.45
N VAL B 64 31.09 -6.56 -23.66
CA VAL B 64 30.42 -6.67 -24.96
C VAL B 64 29.97 -5.33 -25.56
N LYS B 65 30.02 -4.24 -24.76
CA LYS B 65 29.60 -2.91 -25.21
C LYS B 65 30.34 -2.50 -26.51
N GLY B 66 29.58 -2.07 -27.51
CA GLY B 66 30.12 -1.70 -28.81
C GLY B 66 30.10 -2.85 -29.80
N ARG B 67 30.08 -4.11 -29.30
CA ARG B 67 30.07 -5.31 -30.15
C ARG B 67 28.69 -5.93 -30.23
N PHE B 68 27.94 -5.91 -29.11
CA PHE B 68 26.60 -6.51 -29.03
C PHE B 68 25.53 -5.42 -28.94
N THR B 69 24.45 -5.60 -29.72
CA THR B 69 23.32 -4.67 -29.74
C THR B 69 22.02 -5.43 -29.58
N ALA B 70 21.22 -5.04 -28.57
CA ALA B 70 19.90 -5.62 -28.34
C ALA B 70 18.89 -4.68 -28.94
N SER B 71 17.88 -5.24 -29.61
CA SER B 71 16.82 -4.43 -30.23
C SER B 71 15.52 -5.15 -30.00
N SER B 72 14.43 -4.37 -29.95
CA SER B 72 13.11 -4.87 -29.66
C SER B 72 12.16 -4.53 -30.78
N ASP B 73 11.37 -5.53 -31.20
CA ASP B 73 10.42 -5.37 -32.29
C ASP B 73 9.02 -5.59 -31.73
N LYS B 74 8.31 -4.49 -31.41
CA LYS B 74 6.96 -4.51 -30.85
C LYS B 74 5.94 -5.09 -31.83
N ALA B 75 6.19 -4.95 -33.14
CA ALA B 75 5.32 -5.47 -34.19
C ALA B 75 5.27 -6.99 -34.20
N LYS B 76 6.38 -7.65 -33.82
CA LYS B 76 6.51 -9.10 -33.82
C LYS B 76 6.75 -9.70 -32.40
N ASN B 77 6.78 -8.85 -31.34
CA ASN B 77 7.09 -9.27 -29.95
C ASN B 77 8.43 -10.10 -29.90
N MET B 78 9.45 -9.60 -30.61
CA MET B 78 10.75 -10.26 -30.72
C MET B 78 11.85 -9.37 -30.20
N VAL B 79 12.88 -9.97 -29.57
CA VAL B 79 14.05 -9.25 -29.10
C VAL B 79 15.26 -9.91 -29.75
N TYR B 80 16.10 -9.12 -30.39
CA TYR B 80 17.30 -9.62 -31.07
C TYR B 80 18.56 -9.23 -30.30
N LEU B 81 19.60 -10.05 -30.45
CA LEU B 81 20.94 -9.76 -29.94
C LEU B 81 21.89 -9.92 -31.14
N GLN B 82 22.31 -8.78 -31.71
CA GLN B 82 23.24 -8.77 -32.84
C GLN B 82 24.65 -8.78 -32.28
N MET B 83 25.38 -9.89 -32.48
CA MET B 83 26.73 -10.03 -31.93
C MET B 83 27.76 -9.91 -33.04
N ASN B 84 28.62 -8.89 -32.98
CA ASN B 84 29.68 -8.64 -33.97
C ASN B 84 31.04 -8.78 -33.32
N SER B 85 32.11 -8.92 -34.16
CA SER B 85 33.50 -9.06 -33.74
C SER B 85 33.65 -10.10 -32.61
N LEU B 86 33.07 -11.28 -32.83
CA LEU B 86 33.05 -12.36 -31.86
C LEU B 86 34.42 -12.90 -31.55
N LYS B 87 34.62 -13.33 -30.31
CA LYS B 87 35.91 -13.87 -29.86
C LYS B 87 35.65 -15.20 -29.19
N PRO B 88 36.70 -16.06 -29.03
CA PRO B 88 36.53 -17.33 -28.31
C PRO B 88 35.93 -17.15 -26.92
N GLU B 89 36.23 -16.03 -26.21
CA GLU B 89 35.67 -15.74 -24.90
C GLU B 89 34.13 -15.55 -24.89
N ASP B 90 33.53 -15.42 -26.08
CA ASP B 90 32.07 -15.28 -26.23
C ASP B 90 31.35 -16.63 -26.32
N THR B 91 32.10 -17.75 -26.39
CA THR B 91 31.51 -19.12 -26.43
C THR B 91 30.74 -19.34 -25.13
N ALA B 92 29.47 -19.75 -25.24
CA ALA B 92 28.55 -19.98 -24.11
C ALA B 92 27.18 -20.38 -24.60
N VAL B 93 26.34 -20.83 -23.67
CA VAL B 93 24.92 -21.04 -23.94
C VAL B 93 24.32 -19.64 -23.64
N TYR B 94 23.54 -19.09 -24.59
CA TYR B 94 22.90 -17.78 -24.45
C TYR B 94 21.43 -17.93 -24.16
N TYR B 95 20.96 -17.18 -23.14
CA TYR B 95 19.59 -17.22 -22.67
C TYR B 95 18.94 -15.86 -22.77
N CYS B 96 17.66 -15.83 -23.14
CA CYS B 96 16.93 -14.60 -23.01
C CYS B 96 16.00 -14.77 -21.82
N ALA B 97 15.76 -13.68 -21.12
CA ALA B 97 14.98 -13.65 -19.89
C ALA B 97 14.08 -12.41 -19.86
N ALA B 98 12.96 -12.47 -19.13
CA ALA B 98 12.03 -11.35 -19.01
C ALA B 98 11.84 -10.97 -17.54
N VAL B 99 11.62 -9.69 -17.31
CA VAL B 99 11.41 -9.14 -15.96
C VAL B 99 10.44 -7.97 -16.05
N ASN B 100 9.51 -7.87 -15.08
CA ASN B 100 8.54 -6.78 -15.04
C ASN B 100 9.32 -5.45 -15.02
N ALA B 101 9.09 -4.58 -16.02
CA ALA B 101 9.85 -3.31 -16.17
C ALA B 101 9.29 -2.18 -15.31
N GLN B 102 8.12 -2.38 -14.67
CA GLN B 102 7.51 -1.37 -13.78
C GLN B 102 8.36 -1.23 -12.52
N GLY B 103 8.91 -0.04 -12.31
CA GLY B 103 9.76 0.27 -11.15
C GLY B 103 11.24 0.11 -11.38
N ILE B 104 11.68 -0.17 -12.62
CA ILE B 104 13.09 -0.38 -12.93
C ILE B 104 13.52 0.30 -14.23
N TYR B 105 14.84 0.46 -14.44
CA TYR B 105 15.50 0.84 -15.68
C TYR B 105 16.77 0.02 -15.83
N CYS B 106 17.15 -0.29 -17.09
CA CYS B 106 18.29 -1.18 -17.40
C CYS B 106 19.62 -0.71 -16.83
N THR B 107 20.23 -1.55 -15.98
CA THR B 107 21.54 -1.29 -15.36
C THR B 107 22.24 -2.61 -15.14
N ASP B 108 23.51 -2.54 -14.69
CA ASP B 108 24.26 -3.74 -14.33
C ASP B 108 23.55 -4.50 -13.19
N TYR B 109 22.87 -3.79 -12.28
CA TYR B 109 22.17 -4.42 -11.16
C TYR B 109 21.00 -5.31 -11.62
N ILE B 110 20.21 -4.82 -12.59
CA ILE B 110 19.07 -5.55 -13.15
C ILE B 110 19.50 -6.91 -13.73
N ILE B 111 20.60 -6.94 -14.50
CA ILE B 111 21.07 -8.18 -15.10
C ILE B 111 22.19 -8.80 -14.27
N GLY B 112 22.24 -8.41 -13.01
CA GLY B 112 23.18 -8.92 -12.03
C GLY B 112 22.42 -9.57 -10.88
N PRO B 113 22.47 -8.99 -9.67
CA PRO B 113 21.76 -9.61 -8.53
C PRO B 113 20.23 -9.53 -8.52
N TYR B 114 19.62 -8.54 -9.23
CA TYR B 114 18.17 -8.30 -9.16
C TYR B 114 17.28 -9.54 -9.34
N GLY B 115 17.57 -10.35 -10.36
CA GLY B 115 16.82 -11.57 -10.66
C GLY B 115 15.76 -11.37 -11.72
N MET B 116 15.61 -12.35 -12.61
CA MET B 116 14.65 -12.34 -13.71
C MET B 116 13.38 -13.06 -13.33
N ASP B 117 12.27 -12.72 -14.00
CA ASP B 117 10.99 -13.38 -13.71
C ASP B 117 10.77 -14.66 -14.52
N TYR B 118 11.21 -14.66 -15.79
CA TYR B 118 11.03 -15.79 -16.72
C TYR B 118 12.28 -16.03 -17.52
N TRP B 119 12.54 -17.29 -17.88
CA TRP B 119 13.74 -17.66 -18.63
C TRP B 119 13.43 -18.55 -19.81
N GLY B 120 14.18 -18.35 -20.88
CA GLY B 120 14.17 -19.24 -22.04
C GLY B 120 15.09 -20.42 -21.75
N LYS B 121 15.09 -21.44 -22.61
CA LYS B 121 15.91 -22.64 -22.40
C LYS B 121 17.37 -22.48 -22.86
N GLY B 122 17.65 -21.47 -23.67
CA GLY B 122 19.01 -21.19 -24.14
C GLY B 122 19.39 -21.78 -25.48
N THR B 123 20.37 -21.16 -26.14
CA THR B 123 20.91 -21.61 -27.43
C THR B 123 22.46 -21.57 -27.40
N GLN B 124 23.10 -22.59 -27.94
CA GLN B 124 24.57 -22.66 -27.95
C GLN B 124 25.20 -21.76 -29.02
N VAL B 125 26.21 -20.98 -28.60
CA VAL B 125 27.02 -20.13 -29.47
C VAL B 125 28.48 -20.60 -29.26
N THR B 126 29.16 -20.97 -30.35
CA THR B 126 30.53 -21.45 -30.27
C THR B 126 31.37 -20.60 -31.22
N VAL B 127 32.41 -19.95 -30.69
CA VAL B 127 33.30 -19.10 -31.49
C VAL B 127 34.69 -19.79 -31.52
N SER B 128 35.17 -20.20 -32.69
CA SER B 128 36.48 -20.88 -32.81
C SER B 128 37.61 -19.91 -33.17
N SER B 129 38.87 -20.41 -33.12
CA SER B 129 40.07 -19.65 -33.49
C SER B 129 40.66 -20.23 -34.77
N LEU C 34 -22.69 -28.54 33.57
CA LEU C 34 -21.47 -28.65 32.79
C LEU C 34 -20.48 -29.53 33.53
N THR C 35 -19.55 -30.21 32.81
CA THR C 35 -18.49 -30.99 33.43
C THR C 35 -17.59 -30.04 34.23
N PRO C 36 -16.74 -30.48 35.18
CA PRO C 36 -15.82 -29.53 35.86
C PRO C 36 -14.70 -29.03 34.92
N ALA C 37 -14.34 -29.76 33.82
CA ALA C 37 -13.31 -29.24 32.90
C ALA C 37 -13.90 -28.02 32.18
N ALA C 38 -15.14 -28.15 31.66
CA ALA C 38 -15.88 -27.07 30.98
C ALA C 38 -16.10 -25.88 31.91
N GLU C 39 -16.56 -26.16 33.15
CA GLU C 39 -16.82 -25.14 34.16
C GLU C 39 -15.58 -24.36 34.56
N SER C 40 -14.47 -25.07 34.83
CA SER C 40 -13.25 -24.39 35.24
C SER C 40 -12.64 -23.63 34.09
N LEU C 41 -12.93 -24.05 32.85
CA LEU C 41 -12.44 -23.29 31.71
C LEU C 41 -13.21 -21.98 31.58
N ASN C 42 -14.54 -21.99 31.79
CA ASN C 42 -15.39 -20.79 31.77
C ASN C 42 -14.95 -19.80 32.85
N ALA C 43 -14.64 -20.31 34.08
CA ALA C 43 -14.16 -19.51 35.21
C ALA C 43 -12.81 -18.90 34.91
N ARG C 44 -11.89 -19.67 34.28
CA ARG C 44 -10.57 -19.16 33.89
C ARG C 44 -10.71 -18.06 32.83
N TRP C 45 -11.63 -18.23 31.86
CA TRP C 45 -11.96 -17.25 30.84
C TRP C 45 -12.41 -15.92 31.46
N ARG C 46 -13.29 -15.97 32.48
CA ARG C 46 -13.79 -14.78 33.17
C ARG C 46 -12.68 -14.06 33.94
N THR C 47 -11.94 -14.80 34.81
CA THR C 47 -10.88 -14.22 35.65
C THR C 47 -9.67 -13.75 34.84
N ALA C 48 -9.24 -14.55 33.85
CA ALA C 48 -8.07 -14.20 33.05
C ALA C 48 -8.35 -13.17 31.98
N VAL C 49 -9.59 -13.11 31.42
CA VAL C 49 -9.85 -12.19 30.31
C VAL C 49 -11.04 -11.24 30.50
N VAL C 50 -12.27 -11.78 30.66
CA VAL C 50 -13.52 -11.02 30.64
C VAL C 50 -13.56 -9.90 31.67
N ASP C 51 -13.21 -10.20 32.93
CA ASP C 51 -13.25 -9.21 34.01
C ASP C 51 -12.37 -8.00 33.73
N GLY C 52 -11.13 -8.22 33.26
CA GLY C 52 -10.30 -7.06 33.00
C GLY C 52 -10.66 -6.33 31.70
N TRP C 53 -11.27 -7.03 30.70
CA TRP C 53 -11.80 -6.40 29.48
C TRP C 53 -12.93 -5.45 29.90
N ASN C 54 -13.86 -5.97 30.75
CA ASN C 54 -15.00 -5.19 31.25
C ASN C 54 -14.55 -4.02 32.10
N ASN C 55 -13.53 -4.21 32.95
CA ASN C 55 -13.02 -3.11 33.78
C ASN C 55 -12.39 -2.01 32.90
N ALA C 56 -11.65 -2.40 31.86
CA ALA C 56 -10.98 -1.48 30.97
C ALA C 56 -11.90 -0.78 29.98
N PHE C 57 -12.96 -1.46 29.50
CA PHE C 57 -13.78 -0.92 28.41
C PHE C 57 -15.27 -0.63 28.72
N SER C 58 -15.79 -0.99 29.91
CA SER C 58 -17.19 -0.65 30.27
C SER C 58 -17.35 0.88 30.31
N GLY C 59 -18.46 1.37 29.75
CA GLY C 59 -18.78 2.80 29.69
C GLY C 59 -17.77 3.66 28.96
N ARG C 60 -17.22 3.14 27.84
CA ARG C 60 -16.23 3.84 27.01
C ARG C 60 -16.57 3.67 25.53
N TYR C 61 -16.34 4.72 24.73
CA TYR C 61 -16.52 4.64 23.27
C TYR C 61 -15.41 3.72 22.71
N PRO C 62 -15.68 2.80 21.76
CA PRO C 62 -16.93 2.57 20.99
C PRO C 62 -17.98 1.65 21.62
N PHE C 63 -17.64 0.97 22.72
CA PHE C 63 -18.54 0.01 23.40
C PHE C 63 -19.86 0.67 23.79
N LYS C 64 -19.79 1.91 24.30
CA LYS C 64 -20.97 2.71 24.65
C LYS C 64 -20.80 4.08 24.01
N ASN C 65 -21.92 4.69 23.57
CA ASN C 65 -21.86 5.98 22.93
C ASN C 65 -21.74 7.11 23.96
N VAL C 66 -20.53 7.27 24.50
CA VAL C 66 -20.21 8.24 25.55
C VAL C 66 -18.94 9.03 25.19
N SER C 67 -18.70 10.16 25.87
CA SER C 67 -17.55 11.05 25.66
C SER C 67 -16.18 10.43 26.03
N SER C 68 -16.15 9.51 27.00
CA SER C 68 -14.87 8.90 27.39
C SER C 68 -14.45 7.82 26.38
N ASP C 69 -13.17 7.86 25.97
CA ASP C 69 -12.59 6.96 24.97
C ASP C 69 -11.88 5.75 25.54
N ALA C 70 -12.04 4.58 24.88
CA ALA C 70 -11.31 3.38 25.25
C ALA C 70 -9.85 3.62 24.84
N SER C 71 -8.91 3.07 25.61
CA SER C 71 -7.50 3.22 25.29
C SER C 71 -7.14 2.25 24.14
N LEU C 72 -6.65 2.78 23.01
CA LEU C 72 -6.24 1.96 21.86
C LEU C 72 -5.06 1.03 22.23
N PRO C 73 -3.97 1.49 22.91
CA PRO C 73 -2.90 0.55 23.30
C PRO C 73 -3.40 -0.59 24.21
N LEU C 74 -4.36 -0.30 25.11
CA LEU C 74 -4.93 -1.31 26.00
C LEU C 74 -5.78 -2.30 25.21
N LEU C 75 -6.57 -1.81 24.24
CA LEU C 75 -7.38 -2.66 23.35
C LEU C 75 -6.46 -3.59 22.55
N ALA C 76 -5.30 -3.07 22.07
CA ALA C 76 -4.29 -3.85 21.34
C ALA C 76 -3.77 -4.99 22.24
N LYS C 77 -3.49 -4.71 23.52
CA LYS C 77 -3.01 -5.70 24.49
C LYS C 77 -3.99 -6.89 24.66
N TYR C 78 -5.28 -6.64 24.45
CA TYR C 78 -6.32 -7.69 24.51
C TYR C 78 -6.52 -8.45 23.21
N LEU C 79 -6.71 -7.74 22.10
CA LEU C 79 -7.08 -8.39 20.83
C LEU C 79 -5.94 -8.61 19.84
N ASN C 80 -4.66 -8.27 20.18
CA ASN C 80 -3.55 -8.52 19.24
C ASN C 80 -3.56 -9.96 18.74
N THR C 81 -3.47 -10.12 17.41
CA THR C 81 -3.54 -11.39 16.68
C THR C 81 -2.78 -12.54 17.36
N ASP C 82 -1.52 -12.31 17.72
CA ASP C 82 -0.66 -13.33 18.32
C ASP C 82 -0.27 -13.09 19.76
N THR C 83 -0.04 -11.83 20.16
CA THR C 83 0.45 -11.51 21.51
C THR C 83 -0.67 -11.06 22.47
N GLY C 84 -1.87 -10.86 21.94
CA GLY C 84 -2.99 -10.38 22.73
C GLY C 84 -3.35 -11.31 23.88
N ARG C 85 -3.91 -10.75 24.95
CA ARG C 85 -4.30 -11.55 26.11
C ARG C 85 -5.32 -12.64 25.71
N ILE C 86 -6.20 -12.33 24.74
CA ILE C 86 -7.23 -13.27 24.26
C ILE C 86 -6.56 -14.43 23.52
N ALA C 87 -5.73 -14.12 22.49
CA ALA C 87 -4.99 -15.13 21.72
C ALA C 87 -4.16 -16.05 22.63
N ARG C 88 -3.50 -15.49 23.65
CA ARG C 88 -2.73 -16.29 24.62
C ARG C 88 -3.62 -17.23 25.45
N PHE C 89 -4.81 -16.76 25.86
CA PHE C 89 -5.76 -17.61 26.58
C PHE C 89 -6.21 -18.77 25.68
N LEU C 90 -6.58 -18.46 24.42
CA LEU C 90 -7.04 -19.46 23.45
C LEU C 90 -5.97 -20.53 23.19
N GLN C 91 -4.71 -20.10 23.00
CA GLN C 91 -3.57 -21.00 22.74
C GLN C 91 -3.24 -21.90 23.96
N ASN C 92 -3.26 -21.33 25.17
CA ASN C 92 -2.92 -22.03 26.41
C ASN C 92 -3.98 -23.01 26.90
N ASN C 93 -5.26 -22.73 26.60
CA ASN C 93 -6.38 -23.50 27.15
C ASN C 93 -7.25 -24.22 26.15
N LEU C 94 -7.29 -23.75 24.90
CA LEU C 94 -8.20 -24.33 23.93
C LEU C 94 -7.54 -24.87 22.65
N SER C 95 -6.20 -25.10 22.68
CA SER C 95 -5.42 -25.57 21.50
C SER C 95 -5.88 -26.92 20.91
N GLY C 96 -6.61 -27.70 21.69
CA GLY C 96 -7.12 -29.00 21.27
C GLY C 96 -8.51 -28.97 20.69
N VAL C 97 -9.24 -27.85 20.81
CA VAL C 97 -10.63 -27.74 20.33
C VAL C 97 -10.92 -26.45 19.51
N LEU C 98 -9.91 -25.60 19.34
CA LEU C 98 -10.03 -24.32 18.62
C LEU C 98 -8.72 -24.02 17.93
N HIS C 99 -8.77 -23.88 16.59
CA HIS C 99 -7.58 -23.75 15.77
C HIS C 99 -7.62 -22.54 14.85
N ARG C 100 -6.43 -22.01 14.57
CA ARG C 100 -6.28 -20.87 13.68
C ARG C 100 -6.33 -21.28 12.23
N GLU C 101 -6.98 -20.44 11.40
CA GLU C 101 -7.03 -20.59 9.95
C GLU C 101 -7.03 -19.16 9.40
N GLY C 102 -5.85 -18.65 9.04
CA GLY C 102 -5.69 -17.26 8.62
C GLY C 102 -5.98 -16.36 9.82
N SER C 103 -6.88 -15.38 9.65
CA SER C 103 -7.32 -14.46 10.71
C SER C 103 -8.54 -15.06 11.50
N ARG C 104 -8.92 -16.34 11.21
CA ARG C 104 -10.07 -17.01 11.85
C ARG C 104 -9.70 -18.02 12.92
N TRP C 105 -10.63 -18.24 13.85
CA TRP C 105 -10.55 -19.25 14.92
C TRP C 105 -11.70 -20.18 14.61
N VAL C 106 -11.36 -21.44 14.30
CA VAL C 106 -12.30 -22.45 13.84
C VAL C 106 -12.46 -23.55 14.91
N PRO C 107 -13.69 -23.72 15.41
CA PRO C 107 -13.95 -24.72 16.46
C PRO C 107 -13.91 -26.17 15.97
N ASP C 108 -13.60 -27.08 16.89
CA ASP C 108 -13.58 -28.53 16.70
C ASP C 108 -13.81 -29.22 18.06
N THR C 109 -15.10 -29.33 18.49
CA THR C 109 -15.46 -30.00 19.75
C THR C 109 -15.84 -31.47 19.54
N ILE C 110 -15.72 -31.96 18.30
CA ILE C 110 -15.95 -33.37 17.95
C ILE C 110 -14.86 -34.17 18.69
N ASN C 111 -15.26 -35.28 19.37
CA ASN C 111 -14.41 -36.21 20.15
C ASN C 111 -14.15 -35.71 21.58
N THR C 112 -14.75 -34.54 21.93
CA THR C 112 -14.73 -33.92 23.24
C THR C 112 -16.23 -33.68 23.55
N ARG C 113 -16.98 -34.80 23.66
CA ARG C 113 -18.44 -34.90 23.84
C ARG C 113 -19.02 -34.21 25.09
N GLY C 114 -18.15 -33.82 26.02
CA GLY C 114 -18.53 -33.09 27.21
C GLY C 114 -18.37 -31.59 27.04
N LEU C 115 -18.32 -31.12 25.76
CA LEU C 115 -18.11 -29.72 25.39
C LEU C 115 -18.85 -29.27 24.13
N THR C 116 -19.63 -28.19 24.26
CA THR C 116 -20.31 -27.49 23.16
C THR C 116 -20.04 -26.02 23.36
N PHE C 117 -19.44 -25.39 22.35
CA PHE C 117 -19.13 -23.96 22.40
C PHE C 117 -20.39 -23.10 22.45
N ASN C 118 -20.31 -21.99 23.18
CA ASN C 118 -21.33 -20.96 23.20
C ASN C 118 -21.18 -20.22 21.84
N PRO C 119 -22.24 -20.11 20.99
CA PRO C 119 -22.08 -19.43 19.69
C PRO C 119 -21.65 -17.97 19.80
N ALA C 120 -22.09 -17.28 20.87
CA ALA C 120 -21.73 -15.88 21.14
C ALA C 120 -20.22 -15.77 21.38
N PHE C 121 -19.61 -16.82 21.98
CA PHE C 121 -18.15 -16.83 22.22
C PHE C 121 -17.39 -16.89 20.87
N LEU C 122 -17.77 -17.85 19.99
CA LEU C 122 -17.12 -18.03 18.69
C LEU C 122 -17.24 -16.79 17.82
N LYS C 123 -18.44 -16.16 17.83
CA LYS C 123 -18.71 -14.94 17.07
C LYS C 123 -17.84 -13.79 17.61
N ALA C 124 -17.78 -13.60 18.94
CA ALA C 124 -16.99 -12.53 19.58
C ALA C 124 -15.49 -12.62 19.23
N ILE C 125 -14.89 -13.79 19.36
CA ILE C 125 -13.45 -13.94 19.08
C ILE C 125 -13.16 -13.73 17.60
N ASN C 126 -14.07 -14.14 16.70
CA ASN C 126 -13.87 -13.94 15.26
C ASN C 126 -14.04 -12.48 14.87
N THR C 127 -14.93 -11.73 15.58
CA THR C 127 -15.12 -10.30 15.39
C THR C 127 -13.83 -9.58 15.78
N LEU C 128 -13.26 -9.96 16.92
CA LEU C 128 -12.02 -9.35 17.43
C LEU C 128 -10.82 -9.69 16.57
N SER C 129 -10.76 -10.92 16.02
CA SER C 129 -9.68 -11.37 15.15
C SER C 129 -9.67 -10.60 13.85
N GLU C 130 -10.88 -10.34 13.26
CA GLU C 130 -11.03 -9.54 12.05
C GLU C 130 -10.59 -8.09 12.32
N ILE C 131 -10.97 -7.52 13.47
CA ILE C 131 -10.55 -6.15 13.83
C ILE C 131 -9.00 -6.10 13.94
N ALA C 132 -8.40 -7.08 14.65
CA ALA C 132 -6.93 -7.16 14.81
C ALA C 132 -6.23 -7.27 13.45
N ASP C 133 -6.78 -8.12 12.55
CA ASP C 133 -6.24 -8.35 11.20
C ASP C 133 -6.23 -7.07 10.36
N VAL C 134 -7.29 -6.27 10.48
CA VAL C 134 -7.43 -5.03 9.76
C VAL C 134 -6.66 -3.83 10.38
N ALA C 135 -6.81 -3.63 11.70
CA ALA C 135 -6.35 -2.41 12.35
C ALA C 135 -5.17 -2.52 13.31
N PHE C 136 -4.70 -3.73 13.64
CA PHE C 136 -3.64 -3.91 14.63
C PHE C 136 -2.44 -4.74 14.15
N THR C 137 -2.18 -4.75 12.82
CA THR C 137 -1.10 -5.54 12.21
C THR C 137 0.28 -5.31 12.85
N THR C 138 0.56 -4.07 13.31
CA THR C 138 1.87 -3.74 13.95
C THR C 138 1.91 -4.04 15.46
N GLY C 139 0.80 -4.55 16.01
CA GLY C 139 0.71 -4.79 17.45
C GLY C 139 0.14 -3.59 18.17
N ASN C 140 -0.12 -2.50 17.41
CA ASN C 140 -0.74 -1.26 17.87
C ASN C 140 -1.78 -0.82 16.85
N ALA C 141 -2.69 0.13 17.23
CA ALA C 141 -3.69 0.66 16.30
C ALA C 141 -2.98 1.36 15.15
N GLY C 142 -3.42 1.05 13.95
CA GLY C 142 -2.80 1.67 12.78
C GLY C 142 -3.23 1.04 11.48
N LEU C 143 -3.75 1.86 10.56
CA LEU C 143 -4.14 1.45 9.22
C LEU C 143 -4.12 2.65 8.27
N HIS C 144 -4.18 2.38 6.98
CA HIS C 144 -4.27 3.39 5.94
C HIS C 144 -5.53 3.14 5.16
N PHE C 145 -6.15 4.21 4.64
CA PHE C 145 -7.34 4.14 3.81
C PHE C 145 -7.36 5.37 2.92
N GLU C 146 -8.27 5.39 1.96
CA GLU C 146 -8.44 6.55 1.10
C GLU C 146 -9.86 7.07 1.14
N LEU C 147 -10.01 8.38 0.89
CA LEU C 147 -11.30 9.04 0.77
C LEU C 147 -11.30 9.87 -0.50
N ARG C 148 -12.44 9.87 -1.20
CA ARG C 148 -12.70 10.66 -2.39
C ARG C 148 -13.98 11.44 -2.12
N PRO C 149 -13.95 12.80 -2.20
CA PRO C 149 -15.19 13.56 -1.99
C PRO C 149 -16.18 13.28 -3.11
N GLY C 150 -17.42 13.14 -2.72
CA GLY C 150 -18.53 12.90 -3.64
C GLY C 150 -19.24 14.19 -3.98
N THR C 151 -20.22 14.09 -4.87
CA THR C 151 -21.00 15.26 -5.27
C THR C 151 -22.45 15.07 -4.80
N ALA C 152 -23.18 16.18 -4.67
CA ALA C 152 -24.60 16.18 -4.30
C ALA C 152 -25.23 17.52 -4.63
N ALA C 153 -26.53 17.49 -4.98
CA ALA C 153 -27.32 18.69 -5.27
C ALA C 153 -27.24 19.69 -4.10
N GLY C 154 -26.99 20.95 -4.43
CA GLY C 154 -26.93 22.04 -3.45
C GLY C 154 -25.68 22.11 -2.60
N VAL C 155 -24.69 21.22 -2.85
CA VAL C 155 -23.43 21.24 -2.09
C VAL C 155 -22.33 21.78 -2.99
N MET C 156 -21.72 22.91 -2.60
CA MET C 156 -20.67 23.60 -3.35
C MET C 156 -19.26 23.17 -2.93
N GLN C 157 -19.07 22.91 -1.64
CA GLN C 157 -17.77 22.60 -1.04
C GLN C 157 -17.95 21.80 0.23
N THR C 158 -16.99 20.92 0.52
CA THR C 158 -16.94 20.11 1.75
C THR C 158 -15.52 20.10 2.27
N THR C 159 -15.37 19.97 3.58
CA THR C 159 -14.09 19.86 4.26
C THR C 159 -14.20 18.76 5.31
N LEU C 160 -13.42 17.70 5.15
CA LEU C 160 -13.35 16.60 6.11
C LEU C 160 -11.94 16.60 6.65
N ILE C 161 -11.83 16.50 7.97
CA ILE C 161 -10.55 16.47 8.67
C ILE C 161 -10.55 15.28 9.63
N THR C 162 -9.45 14.53 9.66
CA THR C 162 -9.23 13.47 10.64
C THR C 162 -7.79 13.53 11.10
N ASP C 163 -7.58 13.73 12.42
CA ASP C 163 -6.24 13.80 13.02
C ASP C 163 -5.32 14.76 12.26
N ASN C 164 -5.84 15.97 11.98
CA ASN C 164 -5.16 17.07 11.28
C ASN C 164 -4.84 16.77 9.81
N GLN C 165 -5.49 15.77 9.20
CA GLN C 165 -5.33 15.45 7.77
C GLN C 165 -6.57 16.02 7.11
N LYS C 166 -6.39 16.96 6.18
CA LYS C 166 -7.52 17.68 5.58
C LYS C 166 -7.81 17.37 4.15
N LEU C 167 -9.09 17.13 3.86
CA LEU C 167 -9.59 16.90 2.51
C LEU C 167 -10.57 18.03 2.18
N ILE C 168 -10.12 19.00 1.38
CA ILE C 168 -10.90 20.18 0.99
C ILE C 168 -11.36 20.02 -0.45
N TYR C 169 -12.67 19.90 -0.63
CA TYR C 169 -13.31 19.70 -1.92
C TYR C 169 -13.94 20.99 -2.44
N VAL C 170 -13.40 21.51 -3.55
CA VAL C 170 -13.86 22.76 -4.19
C VAL C 170 -13.93 22.55 -5.71
N ASN C 171 -14.66 23.42 -6.37
CA ASN C 171 -14.77 23.42 -7.82
C ASN C 171 -15.19 22.11 -8.50
N GLN C 172 -15.97 21.27 -7.83
CA GLN C 172 -16.40 19.97 -8.35
C GLN C 172 -15.18 19.16 -8.89
N MET C 173 -14.03 19.28 -8.18
CA MET C 173 -12.77 18.63 -8.52
C MET C 173 -12.41 17.57 -7.47
N PRO C 174 -12.93 16.32 -7.60
CA PRO C 174 -12.61 15.30 -6.60
C PRO C 174 -11.23 14.67 -6.83
N VAL C 175 -10.57 14.28 -5.75
CA VAL C 175 -9.30 13.56 -5.77
C VAL C 175 -9.36 12.47 -4.72
N TRP C 176 -8.63 11.39 -4.93
CA TRP C 176 -8.47 10.36 -3.93
C TRP C 176 -7.36 10.89 -3.01
N LYS C 177 -7.56 10.82 -1.69
CA LYS C 177 -6.55 11.22 -0.74
C LYS C 177 -6.30 10.07 0.24
N ARG C 178 -5.03 9.78 0.53
CA ARG C 178 -4.66 8.73 1.47
C ARG C 178 -4.58 9.29 2.89
N PHE C 179 -5.10 8.52 3.86
CA PHE C 179 -5.13 8.88 5.27
C PHE C 179 -4.55 7.77 6.15
N THR C 180 -4.08 8.16 7.30
CA THR C 180 -3.60 7.24 8.32
C THR C 180 -4.54 7.38 9.51
N TRP C 181 -4.86 6.27 10.17
CA TRP C 181 -5.59 6.27 11.44
C TRP C 181 -5.01 5.22 12.38
N PRO C 182 -4.68 5.61 13.63
CA PRO C 182 -4.58 7.00 14.13
C PRO C 182 -3.41 7.69 13.45
N ALA C 183 -3.39 9.02 13.42
CA ALA C 183 -2.24 9.78 12.89
C ALA C 183 -1.73 10.61 14.06
N ASP C 184 -0.42 10.71 14.23
CA ASP C 184 0.17 11.46 15.35
C ASP C 184 -0.15 12.96 15.21
N THR C 185 -0.86 13.53 16.19
CA THR C 185 -1.29 14.94 16.17
C THR C 185 -1.68 15.42 17.57
N GLU C 186 -1.48 16.73 17.84
CA GLU C 186 -1.90 17.32 19.11
C GLU C 186 -3.41 17.63 19.06
N ALA C 187 -4.02 17.51 17.86
CA ALA C 187 -5.46 17.73 17.66
C ALA C 187 -6.17 16.44 17.19
N PRO C 188 -6.21 15.33 17.99
CA PRO C 188 -6.87 14.11 17.50
C PRO C 188 -8.37 14.30 17.41
N GLY C 189 -8.97 13.66 16.43
CA GLY C 189 -10.40 13.75 16.23
C GLY C 189 -10.77 13.96 14.79
N ALA C 190 -12.07 14.12 14.54
CA ALA C 190 -12.52 14.32 13.16
C ALA C 190 -13.58 15.39 13.09
N SER C 191 -13.65 16.09 11.96
CA SER C 191 -14.64 17.13 11.75
C SER C 191 -15.13 17.12 10.30
N LEU C 192 -16.32 17.67 10.10
CA LEU C 192 -16.92 17.76 8.77
C LEU C 192 -17.69 19.06 8.66
N SER C 193 -17.42 19.81 7.60
CA SER C 193 -18.08 21.07 7.33
C SER C 193 -18.46 21.13 5.85
N TRP C 194 -19.43 22.01 5.52
CA TRP C 194 -19.91 22.15 4.16
C TRP C 194 -20.37 23.56 3.81
N VAL C 195 -20.31 23.89 2.51
CA VAL C 195 -20.79 25.14 1.93
C VAL C 195 -21.91 24.77 0.98
N SER C 196 -23.12 25.22 1.30
CA SER C 196 -24.23 24.97 0.37
C SER C 196 -24.26 26.10 -0.68
N THR C 197 -25.06 25.90 -1.73
CA THR C 197 -25.25 26.87 -2.83
C THR C 197 -25.98 28.13 -2.34
N GLN C 198 -26.59 28.08 -1.14
CA GLN C 198 -27.40 29.17 -0.58
C GLN C 198 -26.89 29.78 0.74
N ALA C 199 -25.80 29.25 1.34
CA ALA C 199 -25.30 29.76 2.63
C ALA C 199 -23.80 29.61 2.77
N GLY C 200 -23.25 30.27 3.79
CA GLY C 200 -21.83 30.19 4.12
C GLY C 200 -21.54 28.86 4.81
N THR C 201 -20.29 28.65 5.15
CA THR C 201 -19.83 27.42 5.81
C THR C 201 -20.65 27.09 7.07
N ARG C 202 -21.05 25.81 7.18
CA ARG C 202 -21.70 25.27 8.37
C ARG C 202 -20.89 24.06 8.83
N GLN C 203 -20.85 23.81 10.14
CA GLN C 203 -20.16 22.65 10.70
C GLN C 203 -21.20 21.55 10.93
N TYR C 204 -20.97 20.37 10.34
CA TYR C 204 -21.80 19.18 10.51
C TYR C 204 -21.52 18.55 11.88
N ALA C 205 -20.23 18.29 12.17
CA ALA C 205 -19.78 17.66 13.41
C ALA C 205 -18.34 18.01 13.72
N ASP C 206 -17.98 17.97 15.01
CA ASP C 206 -16.64 18.18 15.51
C ASP C 206 -16.46 17.18 16.65
N LEU C 207 -15.74 16.10 16.37
CA LEU C 207 -15.60 14.97 17.29
C LEU C 207 -14.16 14.78 17.76
N PRO C 208 -13.81 15.32 18.95
CA PRO C 208 -12.40 15.21 19.41
C PRO C 208 -12.03 13.82 19.95
N GLY C 209 -10.72 13.59 20.03
CA GLY C 209 -10.17 12.36 20.59
C GLY C 209 -9.69 11.35 19.57
N SER C 210 -9.01 10.32 20.06
CA SER C 210 -8.43 9.28 19.23
C SER C 210 -9.47 8.48 18.39
N TRP C 211 -10.74 8.42 18.86
CA TRP C 211 -11.83 7.73 18.16
C TRP C 211 -12.68 8.64 17.27
N GLY C 212 -12.27 9.92 17.13
CA GLY C 212 -12.98 10.94 16.35
C GLY C 212 -13.44 10.47 14.99
N LEU C 213 -12.52 9.85 14.22
CA LEU C 213 -12.83 9.32 12.89
C LEU C 213 -13.95 8.28 12.95
N ILE C 214 -13.85 7.35 13.93
CA ILE C 214 -14.82 6.26 14.12
C ILE C 214 -16.20 6.83 14.47
N ARG C 215 -16.24 7.80 15.40
CA ARG C 215 -17.48 8.53 15.80
C ARG C 215 -18.12 9.20 14.57
N LEU C 216 -17.29 9.82 13.69
CA LEU C 216 -17.81 10.47 12.49
C LEU C 216 -18.39 9.45 11.51
N LEU C 217 -17.65 8.36 11.22
CA LEU C 217 -18.09 7.29 10.30
C LEU C 217 -19.42 6.68 10.73
N GLU C 218 -19.61 6.49 12.04
CA GLU C 218 -20.84 5.96 12.62
C GLU C 218 -22.08 6.79 12.21
N MET C 219 -21.93 8.13 12.13
CA MET C 219 -23.03 9.06 11.77
C MET C 219 -23.44 8.99 10.30
N ALA C 220 -22.58 8.40 9.44
CA ALA C 220 -22.90 8.29 8.02
C ALA C 220 -23.77 7.09 7.70
N ARG C 221 -24.55 7.21 6.62
CA ARG C 221 -25.28 6.13 6.00
C ARG C 221 -24.16 5.44 5.20
N ARG C 222 -23.94 4.13 5.45
CA ARG C 222 -22.84 3.37 4.85
C ARG C 222 -23.32 2.13 4.14
N LYS C 223 -22.72 1.84 2.99
CA LYS C 223 -22.99 0.64 2.20
C LYS C 223 -21.86 0.41 1.23
N ALA C 224 -21.74 -0.82 0.70
CA ALA C 224 -20.75 -1.15 -0.30
C ALA C 224 -20.99 -0.18 -1.50
N ALA C 225 -19.92 0.40 -2.07
CA ALA C 225 -20.08 1.31 -3.22
C ALA C 225 -20.13 0.45 -4.49
N PRO C 226 -21.28 0.38 -5.22
CA PRO C 226 -21.33 -0.48 -6.42
C PRO C 226 -20.36 -0.01 -7.49
N GLY C 227 -19.50 -0.93 -7.94
CA GLY C 227 -18.51 -0.65 -8.97
C GLY C 227 -17.23 -0.02 -8.46
N VAL C 228 -17.03 0.02 -7.14
CA VAL C 228 -15.78 0.54 -6.56
C VAL C 228 -15.08 -0.58 -5.79
N ALA C 229 -13.95 -1.10 -6.30
CA ALA C 229 -13.17 -2.15 -5.62
C ALA C 229 -12.73 -1.65 -4.24
N SER C 230 -12.99 -2.48 -3.19
CA SER C 230 -12.76 -2.20 -1.75
C SER C 230 -13.40 -0.85 -1.34
N GLY C 231 -14.49 -0.50 -2.00
CA GLY C 231 -15.17 0.77 -1.82
C GLY C 231 -16.46 0.74 -1.04
N TRP C 232 -16.67 1.81 -0.26
CA TRP C 232 -17.86 2.03 0.57
C TRP C 232 -18.36 3.43 0.36
N SER C 233 -19.65 3.58 0.15
CA SER C 233 -20.23 4.90 0.02
C SER C 233 -20.54 5.41 1.42
N LEU C 234 -20.26 6.68 1.68
CA LEU C 234 -20.54 7.34 2.95
C LEU C 234 -21.42 8.53 2.62
N SER C 235 -22.49 8.70 3.37
CA SER C 235 -23.41 9.82 3.14
C SER C 235 -23.89 10.38 4.47
N TRP C 236 -23.46 11.61 4.82
CA TRP C 236 -23.87 12.31 6.05
C TRP C 236 -25.01 13.27 5.69
N GLN C 237 -26.17 13.15 6.39
CA GLN C 237 -27.31 14.07 6.15
C GLN C 237 -27.05 15.32 6.98
N ALA C 238 -26.67 16.43 6.33
CA ALA C 238 -26.33 17.68 7.03
C ALA C 238 -27.58 18.33 7.62
N GLN C 239 -27.40 19.31 8.53
CA GLN C 239 -28.48 20.02 9.24
C GLN C 239 -29.44 20.75 8.31
N ASP C 240 -29.01 21.11 7.08
CA ASP C 240 -29.87 21.77 6.09
C ASP C 240 -30.60 20.73 5.20
N GLY C 241 -30.40 19.45 5.48
CA GLY C 241 -31.01 18.35 4.71
C GLY C 241 -30.20 17.88 3.51
N ARG C 242 -29.10 18.57 3.18
CA ARG C 242 -28.27 18.17 2.03
C ARG C 242 -27.37 16.99 2.38
N MET C 243 -26.98 16.22 1.36
CA MET C 243 -26.14 15.04 1.55
C MET C 243 -24.67 15.36 1.36
N LEU C 244 -23.85 14.98 2.33
CA LEU C 244 -22.40 15.13 2.27
C LEU C 244 -21.87 13.75 1.95
N ASN C 245 -21.53 13.55 0.66
CA ASN C 245 -21.10 12.27 0.09
C ASN C 245 -19.61 12.11 -0.06
N TYR C 246 -19.11 10.88 0.22
CA TYR C 246 -17.71 10.49 0.09
C TYR C 246 -17.65 9.01 -0.29
N THR C 247 -16.55 8.60 -0.90
CA THR C 247 -16.28 7.20 -1.17
C THR C 247 -15.05 6.84 -0.31
N LEU C 248 -15.16 5.76 0.45
CA LEU C 248 -14.07 5.21 1.23
C LEU C 248 -13.48 4.01 0.49
N ARG C 249 -12.15 3.96 0.38
CA ARG C 249 -11.46 2.83 -0.24
C ARG C 249 -10.51 2.23 0.79
N THR C 250 -10.66 0.92 1.04
CA THR C 250 -9.87 0.24 2.06
C THR C 250 -8.75 -0.61 1.48
N GLU C 251 -7.76 -0.93 2.32
CA GLU C 251 -6.63 -1.78 1.97
C GLU C 251 -6.94 -3.25 2.25
N ALA C 252 -7.81 -3.50 3.24
CA ALA C 252 -8.21 -4.85 3.67
C ALA C 252 -9.53 -4.76 4.37
N GLY C 253 -10.46 -5.65 3.99
CA GLY C 253 -11.80 -5.71 4.57
C GLY C 253 -12.52 -4.38 4.58
N GLU C 254 -13.15 -4.06 5.72
CA GLU C 254 -13.92 -2.83 5.92
C GLU C 254 -13.06 -1.61 6.36
N GLY C 255 -11.75 -1.80 6.47
CA GLY C 255 -10.83 -0.74 6.89
C GLY C 255 -11.26 -0.11 8.21
N PRO C 256 -11.34 1.25 8.31
CA PRO C 256 -11.76 1.87 9.57
C PRO C 256 -13.20 1.53 10.00
N LEU C 257 -14.08 1.11 9.03
CA LEU C 257 -15.46 0.71 9.37
C LEU C 257 -15.52 -0.52 10.27
N VAL C 258 -14.46 -1.37 10.27
CA VAL C 258 -14.39 -2.58 11.11
C VAL C 258 -14.51 -2.25 12.60
N LEU C 259 -14.02 -1.05 13.03
CA LEU C 259 -14.07 -0.64 14.43
C LEU C 259 -15.51 -0.41 14.91
N LEU C 260 -16.44 -0.18 13.98
CA LEU C 260 -17.87 -0.04 14.31
C LEU C 260 -18.47 -1.35 14.82
N LYS C 261 -17.79 -2.49 14.60
CA LYS C 261 -18.22 -3.79 15.13
C LYS C 261 -18.07 -3.84 16.67
N LEU C 262 -17.37 -2.86 17.26
CA LEU C 262 -17.22 -2.77 18.72
C LEU C 262 -18.38 -2.02 19.39
N ARG C 263 -19.25 -1.36 18.58
CA ARG C 263 -20.42 -0.64 19.11
C ARG C 263 -21.36 -1.65 19.77
N ASN C 264 -21.61 -1.51 21.09
CA ASN C 264 -22.44 -2.41 21.89
C ASN C 264 -21.88 -3.83 21.97
N PHE C 265 -20.59 -4.02 21.71
CA PHE C 265 -19.93 -5.32 21.74
C PHE C 265 -19.84 -5.80 23.19
N VAL C 266 -20.20 -7.07 23.41
CA VAL C 266 -20.17 -7.75 24.71
C VAL C 266 -19.26 -8.96 24.59
N LEU C 267 -18.26 -9.09 25.49
CA LEU C 267 -17.42 -10.29 25.54
C LEU C 267 -18.23 -11.31 26.37
N PRO C 268 -18.63 -12.49 25.83
CA PRO C 268 -19.46 -13.42 26.60
C PRO C 268 -18.78 -13.96 27.85
N GLU C 269 -19.57 -14.21 28.90
CA GLU C 269 -19.10 -14.72 30.19
C GLU C 269 -18.75 -16.23 30.17
N THR C 270 -19.19 -16.96 29.13
CA THR C 270 -18.88 -18.39 29.02
C THR C 270 -18.29 -18.75 27.65
N VAL C 271 -17.43 -19.77 27.62
CA VAL C 271 -16.84 -20.37 26.41
C VAL C 271 -17.77 -21.54 26.04
N PHE C 272 -18.12 -22.35 27.03
CA PHE C 272 -18.96 -23.55 26.89
C PHE C 272 -20.30 -23.43 27.54
N GLU C 273 -21.30 -24.02 26.91
CA GLU C 273 -22.67 -24.01 27.40
C GLU C 273 -23.20 -25.43 27.52
N LEU C 274 -24.40 -25.57 28.13
CA LEU C 274 -25.11 -26.84 28.25
C LEU C 274 -25.63 -27.26 26.88
N ALA D 38 18.88 31.70 27.31
CA ALA D 38 19.77 30.67 26.81
C ALA D 38 20.14 29.62 27.87
N GLU D 39 20.66 30.06 29.04
CA GLU D 39 21.08 29.18 30.14
C GLU D 39 19.91 28.43 30.79
N SER D 40 18.80 29.13 31.08
CA SER D 40 17.60 28.56 31.69
C SER D 40 16.90 27.56 30.77
N LEU D 41 16.92 27.81 29.45
CA LEU D 41 16.33 26.96 28.41
C LEU D 41 17.02 25.60 28.30
N ASN D 42 18.34 25.53 28.63
CA ASN D 42 19.17 24.31 28.58
C ASN D 42 18.98 23.40 29.78
N ALA D 43 18.98 23.97 31.01
CA ALA D 43 18.74 23.22 32.25
C ALA D 43 17.23 22.91 32.34
N ARG D 44 16.55 23.10 31.20
CA ARG D 44 15.15 22.81 30.91
C ARG D 44 15.15 21.84 29.73
N TRP D 45 16.10 21.97 28.76
CA TRP D 45 16.23 21.06 27.60
C TRP D 45 17.11 19.83 27.96
N ARG D 46 16.99 19.40 29.21
CA ARG D 46 17.66 18.27 29.85
C ARG D 46 16.65 17.86 30.92
N THR D 47 15.45 18.52 30.86
CA THR D 47 14.35 18.46 31.82
C THR D 47 12.93 18.29 31.17
N ALA D 48 12.33 17.09 31.27
CA ALA D 48 12.95 15.86 31.73
C ALA D 48 12.99 15.03 30.46
N VAL D 49 13.71 15.58 29.47
CA VAL D 49 13.88 15.04 28.13
C VAL D 49 15.11 14.17 28.07
N VAL D 50 16.32 14.77 27.96
CA VAL D 50 17.62 14.10 27.87
C VAL D 50 17.83 13.13 29.03
N ASP D 51 17.58 13.55 30.29
CA ASP D 51 17.75 12.66 31.44
C ASP D 51 16.88 11.40 31.33
N GLY D 52 15.59 11.57 31.01
CA GLY D 52 14.74 10.40 30.88
C GLY D 52 14.96 9.62 29.56
N TRP D 53 15.43 10.30 28.47
CA TRP D 53 15.81 9.65 27.20
C TRP D 53 17.01 8.74 27.51
N ASN D 54 18.02 9.30 28.22
CA ASN D 54 19.23 8.58 28.61
C ASN D 54 18.93 7.42 29.54
N ASN D 55 18.02 7.61 30.49
CA ASN D 55 17.65 6.53 31.41
C ASN D 55 16.96 5.39 30.66
N ALA D 56 16.07 5.74 29.72
CA ALA D 56 15.30 4.78 28.94
C ALA D 56 16.09 4.07 27.85
N PHE D 57 17.02 4.77 27.16
CA PHE D 57 17.70 4.22 25.99
C PHE D 57 19.21 3.94 26.10
N SER D 58 19.91 4.41 27.16
CA SER D 58 21.36 4.15 27.29
C SER D 58 21.62 2.66 27.48
N GLY D 59 22.63 2.16 26.78
CA GLY D 59 22.98 0.74 26.86
C GLY D 59 21.92 -0.21 26.31
N ARG D 60 21.18 0.24 25.28
CA ARG D 60 20.17 -0.58 24.61
C ARG D 60 20.29 -0.40 23.11
N TYR D 61 20.02 -1.48 22.34
CA TYR D 61 20.03 -1.46 20.88
C TYR D 61 18.83 -0.59 20.43
N PRO D 62 18.96 0.31 19.43
CA PRO D 62 20.07 0.52 18.49
C PRO D 62 21.19 1.43 18.92
N PHE D 63 20.97 2.21 19.98
CA PHE D 63 21.91 3.21 20.49
C PHE D 63 23.29 2.61 20.75
N LYS D 64 23.34 1.41 21.36
CA LYS D 64 24.54 0.64 21.59
C LYS D 64 24.36 -0.76 21.03
N ASN D 65 25.43 -1.36 20.50
CA ASN D 65 25.32 -2.70 19.93
C ASN D 65 25.38 -3.77 21.04
N VAL D 66 24.26 -3.91 21.76
CA VAL D 66 24.09 -4.83 22.89
C VAL D 66 22.81 -5.67 22.71
N SER D 67 22.70 -6.79 23.46
CA SER D 67 21.55 -7.71 23.41
C SER D 67 20.22 -7.11 23.86
N SER D 68 20.24 -6.14 24.80
CA SER D 68 19.01 -5.54 25.33
C SER D 68 18.44 -4.53 24.34
N ASP D 69 17.12 -4.60 24.12
CA ASP D 69 16.39 -3.76 23.17
C ASP D 69 15.69 -2.56 23.75
N ALA D 70 15.76 -1.41 23.04
CA ALA D 70 15.03 -0.22 23.43
C ALA D 70 13.53 -0.51 23.20
N SER D 71 12.68 0.06 24.05
CA SER D 71 11.24 -0.12 23.93
C SER D 71 10.73 0.81 22.81
N LEU D 72 10.12 0.22 21.78
CA LEU D 72 9.55 0.99 20.65
C LEU D 72 8.41 1.93 21.12
N PRO D 73 7.42 1.48 21.96
CA PRO D 73 6.38 2.43 22.42
C PRO D 73 6.96 3.61 23.20
N LEU D 74 8.01 3.37 24.00
CA LEU D 74 8.67 4.42 24.78
C LEU D 74 9.42 5.38 23.86
N LEU D 75 10.11 4.85 22.83
CA LEU D 75 10.80 5.67 21.83
C LEU D 75 9.78 6.56 21.08
N ALA D 76 8.58 6.01 20.75
CA ALA D 76 7.50 6.77 20.10
C ALA D 76 7.08 7.95 20.99
N LYS D 77 6.93 7.71 22.31
CA LYS D 77 6.56 8.76 23.28
C LYS D 77 7.54 9.94 23.29
N TYR D 78 8.80 9.70 22.93
CA TYR D 78 9.82 10.74 22.83
C TYR D 78 9.90 11.45 21.49
N LEU D 79 10.03 10.68 20.35
CA LEU D 79 10.24 11.27 19.02
C LEU D 79 8.96 11.51 18.18
N ASN D 80 7.74 11.13 18.64
CA ASN D 80 6.53 11.36 17.85
C ASN D 80 6.47 12.77 17.26
N THR D 81 6.23 12.88 15.94
CA THR D 81 6.20 14.10 15.13
C THR D 81 5.55 15.29 15.84
N ASP D 82 4.34 15.11 16.38
CA ASP D 82 3.58 16.17 17.04
C ASP D 82 3.38 16.00 18.54
N THR D 83 3.14 14.74 19.00
CA THR D 83 2.83 14.48 20.41
C THR D 83 4.03 14.06 21.25
N GLY D 84 5.19 13.91 20.60
CA GLY D 84 6.40 13.46 21.25
C GLY D 84 6.90 14.41 22.32
N ARG D 85 7.52 13.83 23.38
CA ARG D 85 8.10 14.57 24.51
C ARG D 85 9.08 15.62 24.05
N ILE D 86 9.81 15.33 22.95
CA ILE D 86 10.75 16.27 22.33
C ILE D 86 9.98 17.38 21.62
N ALA D 87 9.06 17.02 20.68
CA ALA D 87 8.25 17.95 19.87
C ALA D 87 7.47 18.99 20.69
N ARG D 88 6.92 18.58 21.84
CA ARG D 88 6.15 19.46 22.71
C ARG D 88 7.04 20.50 23.34
N PHE D 89 8.22 20.08 23.82
CA PHE D 89 9.25 20.95 24.39
C PHE D 89 9.65 22.05 23.37
N LEU D 90 9.70 21.73 22.06
CA LEU D 90 10.09 22.71 21.03
C LEU D 90 8.94 23.62 20.56
N GLN D 91 7.68 23.19 20.70
CA GLN D 91 6.52 24.01 20.31
C GLN D 91 6.33 25.08 21.39
N ASN D 92 6.29 24.65 22.66
CA ASN D 92 6.08 25.46 23.87
C ASN D 92 7.14 26.52 24.14
N ASN D 93 8.41 26.27 23.77
CA ASN D 93 9.55 27.14 24.07
C ASN D 93 10.19 27.86 22.89
N LEU D 94 10.37 27.17 21.76
CA LEU D 94 11.04 27.71 20.59
C LEU D 94 10.10 28.09 19.45
N SER D 95 8.83 28.42 19.78
CA SER D 95 7.76 28.79 18.82
C SER D 95 8.04 30.02 17.95
N GLY D 96 8.77 31.00 18.49
CA GLY D 96 9.10 32.22 17.75
C GLY D 96 10.33 32.08 16.89
N VAL D 97 11.23 31.17 17.29
CA VAL D 97 12.48 30.95 16.58
C VAL D 97 12.30 29.90 15.44
N LEU D 98 11.92 28.66 15.80
CA LEU D 98 11.80 27.48 14.95
C LEU D 98 10.38 27.21 14.44
N HIS D 99 10.27 26.66 13.21
CA HIS D 99 9.01 26.27 12.60
C HIS D 99 9.15 24.98 11.77
N ARG D 100 8.29 24.00 12.08
CA ARG D 100 8.24 22.70 11.45
C ARG D 100 7.62 22.81 10.05
N GLU D 101 8.35 22.36 9.03
CA GLU D 101 7.91 22.32 7.64
C GLU D 101 7.88 20.86 7.20
N GLY D 102 6.77 20.21 7.53
CA GLY D 102 6.58 18.78 7.26
C GLY D 102 7.54 17.97 8.10
N SER D 103 8.43 17.23 7.44
CA SER D 103 9.40 16.37 8.12
C SER D 103 10.74 17.03 8.40
N ARG D 104 10.76 18.36 8.48
CA ARG D 104 11.97 19.11 8.80
C ARG D 104 11.58 20.26 9.70
N TRP D 105 12.55 20.79 10.46
CA TRP D 105 12.35 21.97 11.28
C TRP D 105 13.25 23.03 10.66
N VAL D 106 12.66 24.13 10.17
CA VAL D 106 13.38 25.24 9.53
C VAL D 106 13.53 26.37 10.59
N PRO D 107 14.77 26.76 10.95
CA PRO D 107 14.96 27.66 12.10
C PRO D 107 15.17 29.16 11.89
N ASP D 108 15.23 29.91 13.02
CA ASP D 108 15.50 31.35 13.07
C ASP D 108 16.98 31.60 12.74
N PHE D 117 22.29 28.64 17.71
CA PHE D 117 21.96 27.22 17.83
C PHE D 117 23.17 26.31 17.77
N ASN D 118 23.14 25.26 18.59
CA ASN D 118 24.15 24.21 18.62
C ASN D 118 23.86 23.37 17.34
N PRO D 119 24.83 23.18 16.42
CA PRO D 119 24.55 22.38 15.20
C PRO D 119 24.14 20.94 15.49
N ALA D 120 24.68 20.35 16.57
CA ALA D 120 24.35 18.99 16.99
C ALA D 120 22.87 18.90 17.38
N PHE D 121 22.29 19.99 17.95
CA PHE D 121 20.86 20.05 18.32
C PHE D 121 19.99 19.95 17.06
N LEU D 122 20.27 20.79 16.04
CA LEU D 122 19.53 20.84 14.76
C LEU D 122 19.70 19.56 13.94
N LYS D 123 20.76 18.79 14.20
CA LYS D 123 21.04 17.53 13.53
C LYS D 123 20.19 16.44 14.19
N ALA D 124 20.24 16.35 15.52
CA ALA D 124 19.49 15.37 16.32
C ALA D 124 17.97 15.50 16.14
N ILE D 125 17.48 16.75 16.01
CA ILE D 125 16.06 17.07 15.83
C ILE D 125 15.58 16.65 14.43
N ASN D 126 16.35 16.98 13.39
CA ASN D 126 15.99 16.63 12.02
C ASN D 126 16.18 15.14 11.70
N THR D 127 17.11 14.43 12.42
CA THR D 127 17.34 12.99 12.27
C THR D 127 16.12 12.26 12.85
N LEU D 128 15.71 12.66 14.07
CA LEU D 128 14.55 12.08 14.76
C LEU D 128 13.24 12.39 14.03
N SER D 129 13.16 13.58 13.37
CA SER D 129 12.03 14.04 12.55
C SER D 129 11.82 13.13 11.34
N GLU D 130 12.93 12.77 10.66
CA GLU D 130 12.91 11.88 9.49
C GLU D 130 12.53 10.48 9.92
N ILE D 131 13.06 10.00 11.07
CA ILE D 131 12.72 8.66 11.58
C ILE D 131 11.22 8.62 11.91
N ALA D 132 10.70 9.65 12.63
CA ALA D 132 9.28 9.74 12.99
C ALA D 132 8.39 9.75 11.73
N ASP D 133 8.78 10.51 10.69
CA ASP D 133 8.06 10.62 9.42
C ASP D 133 7.97 9.26 8.70
N VAL D 134 9.05 8.49 8.74
CA VAL D 134 9.13 7.19 8.07
C VAL D 134 8.47 6.05 8.89
N ALA D 135 8.79 5.97 10.19
CA ALA D 135 8.44 4.81 11.00
C ALA D 135 7.40 4.99 12.11
N PHE D 136 6.96 6.23 12.39
CA PHE D 136 6.04 6.47 13.51
C PHE D 136 4.79 7.28 13.12
N THR D 137 4.35 7.21 11.85
CA THR D 137 3.18 7.96 11.35
C THR D 137 1.92 7.78 12.19
N THR D 138 1.69 6.57 12.75
CA THR D 138 0.50 6.29 13.58
C THR D 138 0.68 6.69 15.07
N GLY D 139 1.84 7.23 15.42
CA GLY D 139 2.11 7.55 16.82
C GLY D 139 2.77 6.38 17.53
N ASN D 140 2.94 5.25 16.81
CA ASN D 140 3.62 4.04 17.26
C ASN D 140 4.52 3.53 16.14
N ALA D 141 5.46 2.61 16.45
CA ALA D 141 6.35 2.03 15.44
C ALA D 141 5.50 1.26 14.43
N GLY D 142 5.77 1.48 13.16
CA GLY D 142 5.01 0.79 12.13
C GLY D 142 5.28 1.33 10.75
N LEU D 143 5.69 0.46 9.84
CA LEU D 143 5.94 0.76 8.44
C LEU D 143 5.78 -0.52 7.60
N HIS D 144 5.68 -0.35 6.28
CA HIS D 144 5.62 -1.42 5.31
C HIS D 144 6.77 -1.22 4.33
N PHE D 145 7.31 -2.32 3.82
CA PHE D 145 8.38 -2.31 2.81
C PHE D 145 8.29 -3.60 2.02
N GLU D 146 9.06 -3.69 0.94
CA GLU D 146 9.11 -4.92 0.16
C GLU D 146 10.53 -5.44 0.05
N LEU D 147 10.66 -6.76 -0.10
CA LEU D 147 11.94 -7.43 -0.34
C LEU D 147 11.79 -8.35 -1.52
N ARG D 148 12.85 -8.40 -2.36
CA ARG D 148 12.95 -9.29 -3.51
C ARG D 148 14.28 -10.04 -3.34
N PRO D 149 14.26 -11.38 -3.29
CA PRO D 149 15.53 -12.12 -3.19
C PRO D 149 16.35 -11.93 -4.45
N GLY D 150 17.65 -11.77 -4.24
CA GLY D 150 18.60 -11.59 -5.32
C GLY D 150 19.31 -12.88 -5.63
N THR D 151 20.14 -12.85 -6.66
CA THR D 151 20.88 -14.01 -7.12
C THR D 151 22.36 -13.79 -6.91
N ALA D 152 23.11 -14.88 -6.71
CA ALA D 152 24.57 -14.85 -6.55
C ALA D 152 25.18 -16.20 -6.84
N ALA D 153 26.42 -16.18 -7.35
CA ALA D 153 27.21 -17.39 -7.63
C ALA D 153 27.32 -18.27 -6.37
N GLY D 154 27.04 -19.55 -6.55
CA GLY D 154 27.15 -20.55 -5.50
C GLY D 154 26.03 -20.61 -4.50
N VAL D 155 25.01 -19.74 -4.63
CA VAL D 155 23.85 -19.71 -3.73
C VAL D 155 22.66 -20.33 -4.45
N MET D 156 22.13 -21.44 -3.90
CA MET D 156 21.00 -22.18 -4.46
C MET D 156 19.65 -21.72 -3.91
N GLN D 157 19.61 -21.35 -2.63
CA GLN D 157 18.40 -21.00 -1.92
C GLN D 157 18.71 -20.09 -0.76
N THR D 158 17.76 -19.20 -0.41
CA THR D 158 17.86 -18.30 0.73
C THR D 158 16.50 -18.27 1.43
N THR D 159 16.54 -18.07 2.74
CA THR D 159 15.35 -17.92 3.58
C THR D 159 15.58 -16.77 4.51
N LEU D 160 14.74 -15.72 4.37
CA LEU D 160 14.79 -14.56 5.23
C LEU D 160 13.46 -14.54 5.99
N ILE D 161 13.54 -14.35 7.29
CA ILE D 161 12.37 -14.28 8.16
C ILE D 161 12.49 -13.04 9.02
N THR D 162 11.39 -12.28 9.15
CA THR D 162 11.30 -11.13 10.04
C THR D 162 9.94 -11.15 10.70
N ASP D 163 9.92 -11.23 12.04
CA ASP D 163 8.68 -11.26 12.82
C ASP D 163 7.66 -12.27 12.27
N ASN D 164 8.15 -13.51 12.04
CA ASN D 164 7.39 -14.65 11.54
C ASN D 164 6.84 -14.46 10.09
N GLN D 165 7.42 -13.52 9.33
CA GLN D 165 7.06 -13.32 7.92
C GLN D 165 8.20 -13.94 7.12
N LYS D 166 7.90 -14.96 6.30
CA LYS D 166 8.95 -15.72 5.62
C LYS D 166 9.03 -15.51 4.12
N LEU D 167 10.27 -15.31 3.64
CA LEU D 167 10.57 -15.16 2.22
C LEU D 167 11.54 -16.30 1.85
N ILE D 168 11.00 -17.34 1.19
CA ILE D 168 11.76 -18.53 0.78
C ILE D 168 12.03 -18.47 -0.71
N TYR D 169 13.32 -18.35 -1.06
CA TYR D 169 13.79 -18.24 -2.43
C TYR D 169 14.38 -19.55 -2.93
N VAL D 170 13.75 -20.12 -3.95
CA VAL D 170 14.22 -21.35 -4.56
C VAL D 170 14.17 -21.31 -6.08
N ASN D 171 14.87 -22.22 -6.73
CA ASN D 171 14.78 -22.39 -8.18
C ASN D 171 15.02 -21.15 -9.03
N GLN D 172 15.78 -20.20 -8.52
CA GLN D 172 16.09 -18.93 -9.19
C GLN D 172 14.78 -18.21 -9.62
N MET D 173 13.73 -18.30 -8.76
CA MET D 173 12.42 -17.70 -8.99
C MET D 173 12.14 -16.58 -7.98
N PRO D 174 12.61 -15.34 -8.24
CA PRO D 174 12.40 -14.25 -7.28
C PRO D 174 11.00 -13.66 -7.36
N VAL D 175 10.49 -13.22 -6.22
CA VAL D 175 9.21 -12.51 -6.15
C VAL D 175 9.38 -11.32 -5.22
N TRP D 176 8.59 -10.28 -5.44
CA TRP D 176 8.54 -9.15 -4.51
C TRP D 176 7.57 -9.60 -3.40
N LYS D 177 7.94 -9.41 -2.14
CA LYS D 177 7.05 -9.74 -1.01
C LYS D 177 6.93 -8.52 -0.12
N ARG D 178 5.70 -8.19 0.32
CA ARG D 178 5.47 -7.06 1.23
C ARG D 178 5.58 -7.52 2.69
N PHE D 179 6.21 -6.69 3.51
CA PHE D 179 6.43 -6.95 4.93
C PHE D 179 5.97 -5.77 5.79
N THR D 180 5.66 -6.08 7.04
CA THR D 180 5.31 -5.09 8.05
C THR D 180 6.41 -5.14 9.11
N TRP D 181 6.79 -3.98 9.63
CA TRP D 181 7.69 -3.91 10.77
C TRP D 181 7.24 -2.79 11.71
N PRO D 182 7.08 -3.08 13.02
CA PRO D 182 7.08 -4.42 13.63
C PRO D 182 5.82 -5.17 13.17
N ALA D 183 5.83 -6.50 13.22
CA ALA D 183 4.62 -7.29 12.95
C ALA D 183 4.29 -8.01 14.27
N ASP D 184 3.01 -8.03 14.67
CA ASP D 184 2.59 -8.71 15.91
C ASP D 184 2.90 -10.20 15.83
N THR D 185 3.71 -10.68 16.77
CA THR D 185 4.15 -12.08 16.81
C THR D 185 4.72 -12.46 18.17
N GLU D 186 4.62 -13.76 18.51
CA GLU D 186 5.20 -14.29 19.73
C GLU D 186 6.69 -14.61 19.49
N ALA D 187 7.12 -14.60 18.20
CA ALA D 187 8.53 -14.85 17.82
C ALA D 187 9.17 -13.60 17.14
N PRO D 188 9.32 -12.44 17.84
CA PRO D 188 9.92 -11.29 17.16
C PRO D 188 11.40 -11.50 16.89
N GLY D 189 11.85 -10.92 15.78
CA GLY D 189 13.25 -11.02 15.40
C GLY D 189 13.42 -11.30 13.93
N ALA D 190 14.67 -11.49 13.50
CA ALA D 190 14.93 -11.78 12.10
C ALA D 190 16.00 -12.86 11.96
N SER D 191 15.91 -13.63 10.89
CA SER D 191 16.91 -14.66 10.60
C SER D 191 17.19 -14.74 9.12
N LEU D 192 18.38 -15.22 8.77
CA LEU D 192 18.79 -15.41 7.38
C LEU D 192 19.58 -16.70 7.26
N SER D 193 19.15 -17.57 6.35
CA SER D 193 19.79 -18.85 6.11
C SER D 193 19.91 -19.04 4.62
N TRP D 194 20.71 -20.02 4.19
CA TRP D 194 20.88 -20.27 2.77
C TRP D 194 21.44 -21.64 2.49
N VAL D 195 21.33 -22.10 1.24
CA VAL D 195 21.87 -23.41 0.85
C VAL D 195 22.87 -23.19 -0.33
N SER D 196 24.07 -23.77 -0.19
CA SER D 196 25.18 -23.68 -1.14
C SER D 196 25.09 -24.75 -2.25
N THR D 197 25.63 -24.45 -3.48
CA THR D 197 25.62 -25.38 -4.64
C THR D 197 26.44 -26.65 -4.42
N GLN D 198 27.36 -26.64 -3.43
CA GLN D 198 28.26 -27.77 -3.13
C GLN D 198 28.04 -28.40 -1.76
N ALA D 199 27.04 -27.86 -1.03
CA ALA D 199 26.73 -28.32 0.31
C ALA D 199 25.22 -28.22 0.62
N GLY D 200 24.86 -28.14 1.90
CA GLY D 200 23.48 -28.07 2.38
C GLY D 200 23.09 -26.70 2.93
N THR D 201 22.10 -26.69 3.84
CA THR D 201 21.57 -25.48 4.49
C THR D 201 22.43 -25.01 5.64
N ARG D 202 22.76 -23.73 5.64
CA ARG D 202 23.57 -23.06 6.65
C ARG D 202 22.93 -21.74 7.09
N GLN D 203 23.24 -21.33 8.31
CA GLN D 203 22.71 -20.14 8.95
C GLN D 203 23.67 -18.97 8.82
N TYR D 204 23.13 -17.79 8.47
CA TYR D 204 23.93 -16.59 8.43
C TYR D 204 23.84 -15.86 9.77
N ALA D 205 22.59 -15.61 10.23
CA ALA D 205 22.32 -14.92 11.49
C ALA D 205 20.93 -15.27 12.02
N ASP D 206 20.76 -15.19 13.34
CA ASP D 206 19.50 -15.40 14.04
C ASP D 206 19.47 -14.33 15.12
N LEU D 207 18.67 -13.27 14.88
CA LEU D 207 18.61 -12.12 15.74
C LEU D 207 17.24 -11.93 16.39
N PRO D 208 17.05 -12.40 17.64
CA PRO D 208 15.73 -12.27 18.29
C PRO D 208 15.42 -10.86 18.79
N GLY D 209 14.13 -10.59 19.05
CA GLY D 209 13.70 -9.32 19.59
C GLY D 209 13.06 -8.39 18.57
N SER D 210 12.33 -7.37 19.06
CA SER D 210 11.62 -6.38 18.23
C SER D 210 12.52 -5.63 17.21
N TRP D 211 13.83 -5.53 17.48
CA TRP D 211 14.80 -4.88 16.61
C TRP D 211 15.55 -5.84 15.69
N GLY D 212 15.17 -7.12 15.71
CA GLY D 212 15.78 -8.19 14.93
C GLY D 212 16.05 -7.82 13.47
N LEU D 213 15.02 -7.26 12.79
CA LEU D 213 15.14 -6.81 11.40
C LEU D 213 16.24 -5.75 11.24
N ILE D 214 16.26 -4.76 12.16
CA ILE D 214 17.21 -3.65 12.14
C ILE D 214 18.64 -4.17 12.33
N ARG D 215 18.84 -5.08 13.31
CA ARG D 215 20.12 -5.74 13.57
C ARG D 215 20.61 -6.50 12.32
N LEU D 216 19.68 -7.19 11.61
CA LEU D 216 20.04 -7.93 10.39
C LEU D 216 20.47 -6.96 9.27
N LEU D 217 19.68 -5.90 9.02
CA LEU D 217 19.96 -4.89 7.98
C LEU D 217 21.32 -4.23 8.19
N GLU D 218 21.68 -3.95 9.46
CA GLU D 218 22.97 -3.36 9.83
C GLU D 218 24.16 -4.20 9.31
N MET D 219 24.03 -5.54 9.34
CA MET D 219 25.09 -6.45 8.91
C MET D 219 25.32 -6.48 7.40
N ALA D 220 24.34 -5.97 6.61
CA ALA D 220 24.47 -5.97 5.15
C ALA D 220 25.25 -4.78 4.64
N ARG D 221 25.88 -4.96 3.48
CA ARG D 221 26.47 -3.89 2.69
C ARG D 221 25.23 -3.29 2.02
N ARG D 222 25.00 -1.98 2.22
CA ARG D 222 23.82 -1.29 1.71
C ARG D 222 24.17 -0.08 0.87
N LYS D 223 23.43 0.09 -0.22
CA LYS D 223 23.56 1.23 -1.13
C LYS D 223 22.31 1.33 -1.97
N ALA D 224 22.09 2.52 -2.58
CA ALA D 224 20.96 2.72 -3.49
C ALA D 224 21.09 1.66 -4.61
N ALA D 225 19.99 0.99 -5.00
CA ALA D 225 20.06 -0.03 -6.04
C ALA D 225 19.96 0.67 -7.43
N PRO D 226 21.04 0.64 -8.26
CA PRO D 226 20.96 1.33 -9.57
C PRO D 226 19.88 0.73 -10.46
N GLY D 227 18.97 1.57 -10.92
CA GLY D 227 17.86 1.16 -11.78
C GLY D 227 16.66 0.60 -11.05
N VAL D 228 16.60 0.74 -9.74
CA VAL D 228 15.43 0.28 -8.97
C VAL D 228 14.81 1.49 -8.25
N ALA D 229 13.59 1.91 -8.68
CA ALA D 229 12.84 3.02 -8.04
C ALA D 229 12.60 2.67 -6.56
N SER D 230 12.98 3.60 -5.66
CA SER D 230 12.86 3.49 -4.19
C SER D 230 13.57 2.23 -3.67
N GLY D 231 14.62 1.83 -4.39
CA GLY D 231 15.33 0.59 -4.15
C GLY D 231 16.69 0.72 -3.52
N TRP D 232 17.02 -0.26 -2.68
CA TRP D 232 18.29 -0.41 -1.99
C TRP D 232 18.79 -1.82 -2.14
N SER D 233 20.07 -1.96 -2.50
CA SER D 233 20.65 -3.28 -2.61
C SER D 233 21.15 -3.65 -1.22
N LEU D 234 20.91 -4.89 -0.83
CA LEU D 234 21.38 -5.45 0.43
C LEU D 234 22.25 -6.65 0.07
N SER D 235 23.44 -6.70 0.63
CA SER D 235 24.34 -7.81 0.35
C SER D 235 25.04 -8.24 1.63
N TRP D 236 24.74 -9.45 2.06
CA TRP D 236 25.33 -10.04 3.27
C TRP D 236 26.49 -10.94 2.85
N GLN D 237 27.67 -10.68 3.39
CA GLN D 237 28.83 -11.52 3.08
C GLN D 237 28.78 -12.72 3.99
N ALA D 238 28.48 -13.87 3.38
CA ALA D 238 28.29 -15.15 4.05
C ALA D 238 29.55 -16.00 3.99
N GLN D 239 29.43 -17.27 4.40
CA GLN D 239 30.49 -18.27 4.43
C GLN D 239 30.94 -18.62 3.01
N ASP D 240 32.21 -19.08 2.90
CA ASP D 240 32.87 -19.46 1.64
C ASP D 240 32.93 -18.28 0.63
N GLY D 241 32.89 -17.05 1.14
CA GLY D 241 32.93 -15.82 0.35
C GLY D 241 31.67 -15.49 -0.44
N ARG D 242 30.59 -16.29 -0.26
CA ARG D 242 29.30 -16.13 -0.94
C ARG D 242 28.55 -14.88 -0.50
N MET D 243 27.76 -14.30 -1.41
CA MET D 243 26.97 -13.11 -1.16
C MET D 243 25.49 -13.46 -1.10
N LEU D 244 24.80 -13.00 -0.05
CA LEU D 244 23.35 -13.19 0.07
C LEU D 244 22.73 -11.84 -0.27
N ASN D 245 22.23 -11.77 -1.51
CA ASN D 245 21.67 -10.55 -2.10
C ASN D 245 20.16 -10.45 -2.01
N TYR D 246 19.67 -9.22 -1.78
CA TYR D 246 18.26 -8.86 -1.75
C TYR D 246 18.13 -7.43 -2.22
N THR D 247 16.93 -7.09 -2.72
CA THR D 247 16.62 -5.70 -3.06
C THR D 247 15.49 -5.30 -2.09
N LEU D 248 15.68 -4.16 -1.44
CA LEU D 248 14.69 -3.56 -0.56
C LEU D 248 14.00 -2.42 -1.33
N ARG D 249 12.66 -2.39 -1.26
CA ARG D 249 11.89 -1.31 -1.89
C ARG D 249 11.07 -0.63 -0.80
N THR D 250 11.24 0.70 -0.69
CA THR D 250 10.58 1.44 0.39
C THR D 250 9.40 2.26 -0.10
N GLU D 251 8.54 2.64 0.84
CA GLU D 251 7.36 3.48 0.57
C GLU D 251 7.72 4.97 0.71
N ALA D 252 8.73 5.30 1.53
CA ALA D 252 9.17 6.66 1.83
C ALA D 252 10.57 6.61 2.37
N GLY D 253 11.44 7.44 1.80
CA GLY D 253 12.83 7.55 2.22
C GLY D 253 13.55 6.23 2.23
N GLU D 254 14.31 5.98 3.31
CA GLU D 254 15.10 4.77 3.49
C GLU D 254 14.32 3.61 4.13
N GLY D 255 13.03 3.80 4.39
CA GLY D 255 12.18 2.78 5.02
C GLY D 255 12.78 2.25 6.31
N PRO D 256 12.89 0.91 6.51
CA PRO D 256 13.49 0.39 7.75
C PRO D 256 14.96 0.76 7.96
N LEU D 257 15.71 1.10 6.86
CA LEU D 257 17.11 1.53 6.99
C LEU D 257 17.26 2.84 7.78
N VAL D 258 16.21 3.67 7.85
CA VAL D 258 16.22 4.94 8.59
C VAL D 258 16.53 4.72 10.10
N LEU D 259 16.12 3.57 10.67
CA LEU D 259 16.36 3.26 12.08
C LEU D 259 17.84 3.08 12.39
N LEU D 260 18.66 2.79 11.36
CA LEU D 260 20.11 2.69 11.53
C LEU D 260 20.76 4.03 11.88
N LYS D 261 20.01 5.14 11.68
CA LYS D 261 20.48 6.49 12.07
C LYS D 261 20.53 6.64 13.61
N LEU D 262 19.92 5.68 14.35
CA LEU D 262 19.94 5.68 15.82
C LEU D 262 21.19 4.98 16.39
N ARG D 263 21.97 4.29 15.53
CA ARG D 263 23.21 3.62 15.94
C ARG D 263 24.20 4.70 16.41
N ASN D 264 24.59 4.64 17.71
CA ASN D 264 25.50 5.61 18.37
C ASN D 264 24.93 7.03 18.38
N PHE D 265 23.58 7.15 18.36
CA PHE D 265 22.92 8.44 18.39
C PHE D 265 22.96 9.04 19.80
N VAL D 266 23.34 10.32 19.88
CA VAL D 266 23.42 11.05 21.14
C VAL D 266 22.55 12.30 21.08
N LEU D 267 21.66 12.44 22.06
CA LEU D 267 20.80 13.63 22.15
C LEU D 267 21.63 14.72 22.83
N PRO D 268 21.90 15.87 22.15
CA PRO D 268 22.68 16.94 22.79
C PRO D 268 21.99 17.52 24.01
N GLU D 269 22.79 17.86 25.02
CA GLU D 269 22.30 18.43 26.26
C GLU D 269 22.21 19.97 26.15
N THR D 270 22.47 20.51 24.93
CA THR D 270 22.48 21.95 24.65
C THR D 270 21.78 22.35 23.34
N VAL D 271 20.87 23.35 23.38
CA VAL D 271 20.18 23.89 22.20
C VAL D 271 21.15 24.94 21.63
S SO4 E . 24.45 -4.99 -38.24
O1 SO4 E . 23.20 -5.57 -37.70
O2 SO4 E . 25.06 -5.98 -39.14
O3 SO4 E . 24.13 -3.79 -38.99
O4 SO4 E . 25.34 -4.71 -37.14
S SO4 F . -3.75 -18.18 30.85
O1 SO4 F . -4.46 -19.46 31.01
O2 SO4 F . -2.31 -18.46 30.68
O3 SO4 F . -4.23 -17.51 29.66
O4 SO4 F . -3.94 -17.41 32.06
S SO4 G . -25.12 3.26 23.58
O1 SO4 G . -26.02 2.30 24.21
O2 SO4 G . -24.03 2.55 22.91
O3 SO4 G . -25.87 4.05 22.61
O4 SO4 G . -24.57 4.15 24.60
#